data_4AZG
#
_entry.id   4AZG
#
_cell.length_a   66.700
_cell.length_b   115.200
_cell.length_c   129.900
_cell.angle_alpha   90.00
_cell.angle_beta   90.00
_cell.angle_gamma   90.00
#
_symmetry.space_group_name_H-M   'P 21 21 21'
#
loop_
_entity.id
_entity.type
_entity.pdbx_description
1 polymer BETA-N-ACETYLHEXOSAMINIDASE
2 non-polymer 'O-(2-ACETAMIDO-2-DEOXY D-GLUCOPYRANOSYLIDENE) AMINO-N-PHENYLCARBAMATE'
3 non-polymer 'ACETATE ION'
4 non-polymer 1,2-ETHANEDIOL
5 water water
#
_entity_poly.entity_id   1
_entity_poly.type   'polypeptide(L)'
_entity_poly.pdbx_seq_one_letter_code
;RGSHMEKLAKNKVISIDAGRKYFTLNQLKRIVDKASELGYSDVHLLLGNDGLRFLLDDMTITANGKTYASDDVKKAIIEG
TKAYYDDPNGTALTQAEVTELIEYAKSKDIGLIPAINSPGHMDAMLVAMEKLGIKNPQAHFDKVSKTTMDLKNEEAMNFV
KALIGKYMDFFAGKTKIFNFGTDEYANDATSAQGWYYLKWYQLYGKFAEYANTLAAMAKERGLQPMAFNDGFYYEDKDDV
QFDKDVLISYWSKGWWGYNLASPQYLASKGYKFLNTNGDWYYILGQKPEDGGGFLKKAIENTGKTPFNQLASTKYPEVDL
PTVGSMLSIWADRPSAEYKEEEIFELMTAFADHNKDYFRANYNALREELAKIPTNLEGYSKESLEALDAAKTALNYNLNR
NKQAELDTLVANLKAALQGLKPAVTHSGSLDENEVAANVETRP
;
_entity_poly.pdbx_strand_id   A,B
#
# COMPACT_ATOMS: atom_id res chain seq x y z
N ARG A 1 -20.58 20.68 23.54
CA ARG A 1 -20.27 19.22 23.49
C ARG A 1 -21.53 18.38 23.31
N GLY A 2 -21.84 18.01 22.06
CA GLY A 2 -23.15 17.46 21.69
C GLY A 2 -23.61 16.12 22.28
N SER A 3 -24.89 15.82 22.13
CA SER A 3 -25.41 14.49 22.41
C SER A 3 -24.89 13.46 21.39
N HIS A 4 -25.07 12.17 21.65
CA HIS A 4 -24.73 11.13 20.68
C HIS A 4 -25.36 11.38 19.33
N MET A 5 -26.59 11.88 19.35
CA MET A 5 -27.34 12.13 18.15
C MET A 5 -26.75 13.27 17.32
N GLU A 6 -26.35 14.36 17.99
CA GLU A 6 -25.74 15.53 17.33
C GLU A 6 -24.37 15.17 16.79
N LYS A 7 -23.65 14.39 17.57
CA LYS A 7 -22.32 13.99 17.23
C LYS A 7 -22.34 13.16 15.96
N LEU A 8 -23.22 12.15 15.91
CA LEU A 8 -23.34 11.32 14.72
C LEU A 8 -23.93 12.04 13.51
N ALA A 9 -24.76 13.05 13.72
CA ALA A 9 -25.30 13.78 12.58
C ALA A 9 -24.26 14.61 11.81
N LYS A 10 -23.11 14.87 12.42
CA LYS A 10 -22.09 15.67 11.74
C LYS A 10 -21.50 14.85 10.61
N ASN A 11 -21.10 15.52 9.53
CA ASN A 11 -20.36 14.87 8.47
C ASN A 11 -18.95 14.50 8.90
N LYS A 12 -18.52 13.28 8.59
CA LYS A 12 -17.10 12.91 8.70
C LYS A 12 -16.63 12.59 7.30
N VAL A 13 -15.76 13.43 6.74
CA VAL A 13 -15.40 13.36 5.31
C VAL A 13 -13.93 13.04 5.10
N ILE A 14 -13.65 12.09 4.22
CA ILE A 14 -12.29 11.87 3.73
C ILE A 14 -12.20 12.42 2.31
N SER A 15 -11.25 13.33 2.07
CA SER A 15 -11.10 13.97 0.74
C SER A 15 -9.96 13.37 -0.05
N ILE A 16 -10.23 13.10 -1.33
CA ILE A 16 -9.23 12.51 -2.23
C ILE A 16 -9.03 13.37 -3.46
N ASP A 17 -7.78 13.79 -3.68
CA ASP A 17 -7.43 14.60 -4.83
C ASP A 17 -7.24 13.71 -6.04
N ALA A 18 -8.33 13.39 -6.72
CA ALA A 18 -8.25 12.67 -8.00
C ALA A 18 -8.42 13.63 -9.19
N GLY A 19 -8.14 14.91 -8.95
CA GLY A 19 -8.03 15.89 -10.03
C GLY A 19 -6.62 15.85 -10.56
N ARG A 20 -5.62 15.94 -9.67
CA ARG A 20 -4.22 15.94 -10.09
C ARG A 20 -3.75 14.55 -10.55
N LYS A 21 -4.34 13.49 -9.99
CA LYS A 21 -3.79 12.15 -10.08
C LYS A 21 -4.91 11.17 -10.29
N TYR A 22 -4.63 10.15 -11.10
CA TYR A 22 -5.61 9.14 -11.44
C TYR A 22 -5.75 8.12 -10.31
N PHE A 23 -7.01 7.77 -10.01
CA PHE A 23 -7.33 6.69 -9.05
C PHE A 23 -8.30 5.77 -9.77
N THR A 24 -8.08 4.47 -9.68
CA THR A 24 -8.98 3.54 -10.32
C THR A 24 -10.28 3.50 -9.56
N LEU A 25 -11.32 2.99 -10.22
CA LEU A 25 -12.60 2.75 -9.56
C LEU A 25 -12.40 1.81 -8.38
N ASN A 26 -11.53 0.80 -8.53
CA ASN A 26 -11.31 -0.13 -7.43
C ASN A 26 -10.66 0.52 -6.24
N GLN A 27 -9.65 1.35 -6.50
CA GLN A 27 -9.00 2.15 -5.47
C GLN A 27 -10.01 3.02 -4.70
N LEU A 28 -10.97 3.59 -5.41
CA LEU A 28 -11.88 4.54 -4.77
C LEU A 28 -12.98 3.78 -4.00
N LYS A 29 -13.40 2.64 -4.54
CA LYS A 29 -14.26 1.71 -3.83
C LYS A 29 -13.62 1.26 -2.51
N ARG A 30 -12.33 0.96 -2.54
CA ARG A 30 -11.65 0.51 -1.31
C ARG A 30 -11.63 1.62 -0.30
N ILE A 31 -11.37 2.84 -0.75
CA ILE A 31 -11.46 4.02 0.12
C ILE A 31 -12.89 4.15 0.73
N VAL A 32 -13.92 4.00 -0.11
CA VAL A 32 -15.31 4.07 0.31
C VAL A 32 -15.61 3.00 1.37
N ASP A 33 -15.19 1.76 1.10
CA ASP A 33 -15.35 0.65 2.02
C ASP A 33 -14.66 0.96 3.38
N LYS A 34 -13.39 1.38 3.34
CA LYS A 34 -12.64 1.77 4.52
C LYS A 34 -13.27 2.98 5.25
N ALA A 35 -13.78 3.96 4.51
CA ALA A 35 -14.50 5.08 5.12
C ALA A 35 -15.74 4.58 5.87
N SER A 36 -16.45 3.63 5.25
CA SER A 36 -17.64 3.06 5.87
C SER A 36 -17.31 2.31 7.14
N GLU A 37 -16.23 1.55 7.09
CA GLU A 37 -15.77 0.73 8.22
C GLU A 37 -15.41 1.62 9.42
N LEU A 38 -14.73 2.72 9.16
CA LEU A 38 -14.19 3.57 10.23
C LEU A 38 -15.20 4.57 10.76
N GLY A 39 -16.34 4.67 10.09
CA GLY A 39 -17.45 5.48 10.58
C GLY A 39 -17.62 6.85 9.97
N TYR A 40 -16.95 7.10 8.85
CA TYR A 40 -17.15 8.32 8.07
C TYR A 40 -18.53 8.33 7.45
N SER A 41 -18.99 9.53 7.05
CA SER A 41 -20.27 9.67 6.35
C SER A 41 -20.10 9.93 4.83
N ASP A 42 -18.97 10.52 4.42
CA ASP A 42 -18.80 10.97 3.03
C ASP A 42 -17.38 10.85 2.50
N VAL A 43 -17.28 10.66 1.18
CA VAL A 43 -16.03 10.79 0.46
C VAL A 43 -16.12 12.03 -0.43
N HIS A 44 -15.16 12.92 -0.25
CA HIS A 44 -15.07 14.11 -1.06
C HIS A 44 -14.10 13.81 -2.16
N LEU A 45 -14.59 13.85 -3.40
CA LEU A 45 -13.80 13.40 -4.54
C LEU A 45 -13.53 14.56 -5.48
N LEU A 46 -12.28 14.97 -5.58
CA LEU A 46 -11.97 16.01 -6.53
C LEU A 46 -11.74 15.38 -7.91
N LEU A 47 -12.50 15.85 -8.89
CA LEU A 47 -12.44 15.29 -10.25
C LEU A 47 -11.80 16.29 -11.21
N GLY A 48 -12.02 17.57 -10.91
CA GLY A 48 -11.34 18.68 -11.55
C GLY A 48 -10.56 19.40 -10.46
N ASN A 49 -9.25 19.19 -10.47
CA ASN A 49 -8.33 19.95 -9.64
C ASN A 49 -7.00 19.87 -10.41
N ASP A 50 -6.69 20.94 -11.15
CA ASP A 50 -5.54 21.00 -12.08
C ASP A 50 -5.79 20.11 -13.33
N GLY A 51 -5.81 18.79 -13.13
CA GLY A 51 -6.28 17.87 -14.15
C GLY A 51 -7.80 17.74 -14.07
N LEU A 52 -8.42 17.32 -15.17
CA LEU A 52 -9.84 17.10 -15.20
C LEU A 52 -10.00 15.62 -15.51
N ARG A 53 -10.48 14.86 -14.54
CA ARG A 53 -10.35 13.42 -14.64
C ARG A 53 -11.69 12.70 -14.60
N PHE A 54 -12.66 13.22 -15.36
CA PHE A 54 -14.02 12.68 -15.41
C PHE A 54 -14.67 13.16 -16.68
N LEU A 55 -15.05 12.20 -17.52
CA LEU A 55 -15.83 12.47 -18.71
C LEU A 55 -17.22 11.84 -18.59
N LEU A 56 -18.23 12.66 -18.86
CA LEU A 56 -19.57 12.19 -19.03
C LEU A 56 -19.66 11.49 -20.40
N ASP A 57 -20.66 10.62 -20.55
CA ASP A 57 -20.91 9.99 -21.84
C ASP A 57 -21.19 11.01 -22.93
N ASP A 58 -21.96 12.05 -22.61
CA ASP A 58 -22.23 13.12 -23.55
C ASP A 58 -21.63 14.47 -23.12
N MET A 59 -20.56 14.90 -23.76
CA MET A 59 -19.88 16.13 -23.39
C MET A 59 -20.14 17.28 -24.36
N THR A 60 -21.27 17.22 -25.07
CA THR A 60 -21.70 18.29 -25.95
C THR A 60 -21.89 19.55 -25.13
N ILE A 61 -21.24 20.63 -25.50
CA ILE A 61 -21.33 21.90 -24.77
C ILE A 61 -21.94 22.94 -25.70
N THR A 62 -22.96 23.63 -25.22
CA THR A 62 -23.42 24.81 -25.93
C THR A 62 -23.13 26.12 -25.17
N ALA A 63 -22.44 27.03 -25.84
CA ALA A 63 -21.99 28.29 -25.25
C ALA A 63 -21.44 29.19 -26.34
N ASN A 64 -21.52 30.49 -26.13
CA ASN A 64 -21.01 31.51 -27.05
C ASN A 64 -21.73 31.43 -28.39
N GLY A 65 -23.02 31.08 -28.31
CA GLY A 65 -23.91 31.00 -29.46
C GLY A 65 -23.51 29.91 -30.42
N LYS A 66 -22.67 29.00 -29.93
CA LYS A 66 -21.97 28.02 -30.75
C LYS A 66 -22.16 26.66 -30.11
N THR A 67 -21.72 25.62 -30.79
CA THR A 67 -21.88 24.27 -30.26
C THR A 67 -20.56 23.47 -30.36
N TYR A 68 -20.18 22.77 -29.29
CA TYR A 68 -18.90 22.06 -29.27
C TYR A 68 -19.20 20.59 -29.12
N ALA A 69 -18.92 19.83 -30.17
CA ALA A 69 -19.31 18.42 -30.26
C ALA A 69 -18.66 17.61 -29.16
N SER A 70 -19.41 16.65 -28.65
CA SER A 70 -19.01 15.77 -27.57
C SER A 70 -17.67 15.10 -27.80
N ASP A 71 -17.49 14.47 -28.96
CA ASP A 71 -16.22 13.83 -29.27
C ASP A 71 -15.07 14.84 -29.19
N ASP A 72 -15.30 16.09 -29.61
CA ASP A 72 -14.22 17.10 -29.65
C ASP A 72 -13.87 17.57 -28.23
N VAL A 73 -14.90 17.64 -27.38
CA VAL A 73 -14.76 18.10 -26.01
C VAL A 73 -14.00 17.06 -25.23
N LYS A 74 -14.36 15.80 -25.40
CA LYS A 74 -13.60 14.71 -24.78
C LYS A 74 -12.11 14.78 -25.19
N LYS A 75 -11.86 14.86 -26.49
CA LYS A 75 -10.50 14.84 -27.00
C LYS A 75 -9.69 15.99 -26.41
N ALA A 76 -10.32 17.16 -26.27
CA ALA A 76 -9.64 18.36 -25.81
C ALA A 76 -9.34 18.23 -24.32
N ILE A 77 -10.30 17.68 -23.58
CA ILE A 77 -10.14 17.48 -22.15
C ILE A 77 -9.04 16.46 -21.90
N ILE A 78 -9.08 15.33 -22.60
N ILE A 78 -9.09 15.33 -22.61
CA ILE A 78 -8.01 14.34 -22.49
CA ILE A 78 -8.01 14.33 -22.52
C ILE A 78 -6.62 14.94 -22.77
C ILE A 78 -6.64 14.98 -22.74
N GLU A 79 -6.56 15.84 -23.75
CA GLU A 79 -5.30 16.52 -24.09
C GLU A 79 -4.90 17.51 -23.02
N GLY A 80 -5.88 18.23 -22.50
CA GLY A 80 -5.64 19.18 -21.43
C GLY A 80 -5.10 18.48 -20.19
N THR A 81 -5.74 17.38 -19.81
CA THR A 81 -5.37 16.65 -18.62
C THR A 81 -3.98 16.01 -18.78
N LYS A 82 -3.76 15.40 -19.93
CA LYS A 82 -2.43 14.86 -20.23
C LYS A 82 -1.32 15.91 -20.26
N ALA A 83 -1.64 17.12 -20.71
CA ALA A 83 -0.63 18.20 -20.72
C ALA A 83 -0.28 18.62 -19.30
N TYR A 84 -1.22 18.45 -18.37
CA TYR A 84 -0.93 18.80 -16.99
C TYR A 84 -0.08 17.71 -16.34
N TYR A 85 -0.45 16.46 -16.59
CA TYR A 85 0.25 15.27 -16.08
C TYR A 85 -0.32 14.00 -16.74
N ASP A 86 0.48 13.41 -17.62
CA ASP A 86 0.09 12.21 -18.35
C ASP A 86 0.32 11.03 -17.45
N ASP A 87 -0.61 10.82 -16.52
CA ASP A 87 -0.52 9.76 -15.53
C ASP A 87 -0.50 8.39 -16.23
N PRO A 88 0.52 7.58 -15.96
CA PRO A 88 0.58 6.24 -16.58
C PRO A 88 -0.54 5.27 -16.11
N ASN A 89 -1.13 5.55 -14.95
CA ASN A 89 -2.21 4.70 -14.41
C ASN A 89 -3.59 4.90 -15.07
N GLY A 90 -3.75 6.02 -15.78
CA GLY A 90 -5.01 6.34 -16.45
C GLY A 90 -5.19 7.84 -16.61
N THR A 91 -6.29 8.24 -17.26
CA THR A 91 -6.57 9.65 -17.52
C THR A 91 -7.83 10.16 -16.81
N ALA A 92 -8.97 9.53 -17.05
CA ALA A 92 -10.26 10.03 -16.55
C ALA A 92 -11.18 8.87 -16.23
N LEU A 93 -11.93 9.02 -15.14
CA LEU A 93 -13.03 8.12 -14.84
C LEU A 93 -14.17 8.32 -15.86
N THR A 94 -14.87 7.24 -16.20
CA THR A 94 -16.04 7.29 -17.08
C THR A 94 -17.32 7.55 -16.31
N GLN A 95 -18.39 7.90 -17.03
CA GLN A 95 -19.69 8.10 -16.40
C GLN A 95 -20.18 6.82 -15.72
N ALA A 96 -19.94 5.65 -16.31
CA ALA A 96 -20.38 4.40 -15.69
C ALA A 96 -19.65 4.12 -14.38
N GLU A 97 -18.34 4.40 -14.36
CA GLU A 97 -17.53 4.23 -13.14
C GLU A 97 -17.98 5.08 -11.95
N VAL A 98 -18.15 6.38 -12.17
CA VAL A 98 -18.66 7.29 -11.12
C VAL A 98 -20.10 6.92 -10.66
N THR A 99 -20.98 6.58 -11.60
CA THR A 99 -22.33 6.11 -11.28
C THR A 99 -22.27 4.88 -10.36
N GLU A 100 -21.37 3.95 -10.68
CA GLU A 100 -21.21 2.75 -9.87
C GLU A 100 -20.64 3.13 -8.52
N LEU A 101 -19.63 4.00 -8.51
CA LEU A 101 -19.04 4.48 -7.25
C LEU A 101 -20.10 5.07 -6.34
N ILE A 102 -21.00 5.86 -6.91
CA ILE A 102 -22.02 6.55 -6.10
C ILE A 102 -23.01 5.52 -5.53
N GLU A 103 -23.34 4.52 -6.34
N GLU A 103 -23.39 4.56 -6.37
CA GLU A 103 -24.32 3.53 -5.95
CA GLU A 103 -24.29 3.48 -5.96
C GLU A 103 -23.70 2.52 -4.95
C GLU A 103 -23.64 2.75 -4.79
N TYR A 104 -22.38 2.37 -4.98
CA TYR A 104 -21.66 1.53 -4.02
C TYR A 104 -21.52 2.23 -2.65
N ALA A 105 -21.12 3.49 -2.67
CA ALA A 105 -21.07 4.29 -1.47
C ALA A 105 -22.43 4.38 -0.77
N LYS A 106 -23.49 4.58 -1.55
CA LYS A 106 -24.85 4.66 -1.01
C LYS A 106 -25.25 3.37 -0.28
N SER A 107 -24.93 2.22 -0.87
CA SER A 107 -25.19 0.93 -0.22
C SER A 107 -24.42 0.78 1.11
N LYS A 108 -23.44 1.63 1.34
CA LYS A 108 -22.73 1.62 2.62
C LYS A 108 -22.99 2.87 3.47
N ASP A 109 -24.03 3.63 3.12
CA ASP A 109 -24.39 4.88 3.80
C ASP A 109 -23.27 5.91 3.73
N ILE A 110 -22.63 6.01 2.57
CA ILE A 110 -21.54 6.96 2.37
C ILE A 110 -21.99 7.86 1.23
N GLY A 111 -22.02 9.17 1.49
CA GLY A 111 -22.26 10.15 0.43
C GLY A 111 -20.99 10.41 -0.38
N LEU A 112 -21.18 10.80 -1.64
CA LEU A 112 -20.07 11.29 -2.44
C LEU A 112 -20.19 12.80 -2.65
N ILE A 113 -19.11 13.54 -2.42
CA ILE A 113 -19.14 14.99 -2.66
C ILE A 113 -18.14 15.30 -3.75
N PRO A 114 -18.62 15.51 -4.99
CA PRO A 114 -17.74 15.83 -6.11
C PRO A 114 -17.25 17.29 -6.05
N ALA A 115 -16.03 17.53 -6.53
CA ALA A 115 -15.47 18.88 -6.63
C ALA A 115 -14.95 19.08 -8.04
N ILE A 116 -15.39 20.14 -8.68
CA ILE A 116 -14.79 20.51 -9.96
C ILE A 116 -14.27 21.92 -9.85
N ASN A 117 -12.95 22.07 -9.78
CA ASN A 117 -12.35 23.36 -9.50
C ASN A 117 -12.34 24.35 -10.64
N SER A 118 -12.67 25.59 -10.30
CA SER A 118 -12.46 26.77 -11.13
C SER A 118 -12.70 27.96 -10.18
N PRO A 119 -12.24 29.18 -10.54
CA PRO A 119 -11.50 29.48 -11.79
C PRO A 119 -10.00 29.27 -11.64
N GLY A 120 -9.57 28.79 -10.50
CA GLY A 120 -8.19 28.34 -10.34
C GLY A 120 -8.09 26.84 -10.52
N HIS A 121 -6.89 26.30 -10.34
CA HIS A 121 -6.65 24.85 -10.48
C HIS A 121 -7.41 24.28 -11.65
N MET A 122 -7.28 24.88 -12.82
CA MET A 122 -8.02 24.40 -13.98
C MET A 122 -7.14 24.32 -15.21
N ASP A 123 -5.86 24.02 -14.99
CA ASP A 123 -4.89 23.74 -16.05
C ASP A 123 -5.50 22.97 -17.21
N ALA A 124 -6.16 21.85 -16.91
CA ALA A 124 -6.68 20.96 -17.97
C ALA A 124 -7.78 21.62 -18.81
N MET A 125 -8.67 22.35 -18.16
CA MET A 125 -9.72 23.04 -18.87
C MET A 125 -9.16 24.17 -19.73
N LEU A 126 -8.08 24.81 -19.27
CA LEU A 126 -7.50 25.95 -20.00
C LEU A 126 -7.04 25.50 -21.39
N VAL A 127 -6.26 24.42 -21.41
CA VAL A 127 -5.66 23.88 -22.62
C VAL A 127 -6.74 23.25 -23.47
N ALA A 128 -7.69 22.56 -22.84
CA ALA A 128 -8.81 21.97 -23.55
C ALA A 128 -9.51 23.07 -24.36
N MET A 129 -9.69 24.25 -23.73
CA MET A 129 -10.29 25.41 -24.39
C MET A 129 -9.48 25.92 -25.58
N GLU A 130 -8.16 26.03 -25.41
CA GLU A 130 -7.30 26.37 -26.55
C GLU A 130 -7.50 25.41 -27.74
N LYS A 131 -7.59 24.12 -27.43
CA LYS A 131 -7.83 23.06 -28.41
C LYS A 131 -9.20 23.16 -29.07
N LEU A 132 -10.16 23.77 -28.40
CA LEU A 132 -11.50 23.92 -28.97
C LEU A 132 -11.68 25.26 -29.70
N GLY A 133 -10.58 26.01 -29.84
CA GLY A 133 -10.57 27.28 -30.58
C GLY A 133 -10.77 28.52 -29.72
N ILE A 134 -10.78 28.35 -28.40
CA ILE A 134 -10.94 29.45 -27.44
C ILE A 134 -9.55 30.01 -27.08
N LYS A 135 -9.19 31.15 -27.67
CA LYS A 135 -7.84 31.69 -27.48
C LYS A 135 -7.69 32.40 -26.15
N ASN A 136 -6.51 32.22 -25.56
CA ASN A 136 -6.10 32.91 -24.34
C ASN A 136 -7.10 32.82 -23.22
N PRO A 137 -7.43 31.58 -22.80
CA PRO A 137 -8.33 31.47 -21.67
C PRO A 137 -7.65 31.87 -20.35
N GLN A 138 -6.32 32.04 -20.35
CA GLN A 138 -5.52 32.21 -19.11
C GLN A 138 -5.51 33.61 -18.53
N ALA A 139 -5.60 33.68 -17.21
CA ALA A 139 -5.24 34.91 -16.48
C ALA A 139 -3.78 35.35 -16.78
N HIS A 140 -3.59 36.66 -16.95
CA HIS A 140 -2.26 37.24 -17.23
C HIS A 140 -1.96 38.33 -16.23
N PHE A 141 -0.94 38.09 -15.40
CA PHE A 141 -0.45 39.11 -14.47
C PHE A 141 1.07 39.19 -14.62
N ASP A 142 1.82 38.64 -13.67
CA ASP A 142 3.28 38.70 -13.75
C ASP A 142 3.80 37.74 -14.81
N LYS A 143 2.97 36.77 -15.14
CA LYS A 143 3.19 35.93 -16.28
C LYS A 143 1.84 35.39 -16.67
N VAL A 144 1.83 34.50 -17.65
CA VAL A 144 0.59 33.94 -18.13
C VAL A 144 0.39 32.76 -17.24
N SER A 145 -0.74 32.74 -16.54
CA SER A 145 -1.00 31.63 -15.62
C SER A 145 -1.16 30.34 -16.39
N LYS A 146 -0.80 29.25 -15.75
CA LYS A 146 -1.07 27.93 -16.25
C LYS A 146 -2.27 27.28 -15.54
N THR A 147 -2.82 27.95 -14.53
CA THR A 147 -3.78 27.27 -13.67
C THR A 147 -5.12 27.95 -13.65
N THR A 148 -5.14 29.21 -14.07
CA THR A 148 -6.24 30.06 -13.74
C THR A 148 -6.82 30.77 -14.95
N MET A 149 -8.15 30.73 -15.06
CA MET A 149 -8.90 31.44 -16.11
C MET A 149 -8.94 32.95 -15.93
N ASP A 150 -8.74 33.66 -17.04
CA ASP A 150 -8.97 35.11 -17.17
C ASP A 150 -10.45 35.47 -16.99
N LEU A 151 -10.74 36.25 -15.95
CA LEU A 151 -12.11 36.68 -15.67
C LEU A 151 -12.67 37.72 -16.65
N LYS A 152 -11.79 38.36 -17.42
CA LYS A 152 -12.18 39.30 -18.48
C LYS A 152 -12.55 38.57 -19.79
N ASN A 153 -12.20 37.29 -19.90
CA ASN A 153 -12.46 36.53 -21.12
C ASN A 153 -13.82 35.87 -21.07
N GLU A 154 -14.82 36.55 -21.61
N GLU A 154 -14.83 36.58 -21.58
CA GLU A 154 -16.19 36.08 -21.57
CA GLU A 154 -16.23 36.11 -21.66
C GLU A 154 -16.39 34.78 -22.39
C GLU A 154 -16.33 34.76 -22.37
N GLU A 155 -15.63 34.61 -23.49
CA GLU A 155 -15.72 33.39 -24.28
C GLU A 155 -15.38 32.18 -23.41
N ALA A 156 -14.26 32.27 -22.70
CA ALA A 156 -13.79 31.21 -21.81
C ALA A 156 -14.77 30.97 -20.65
N MET A 157 -15.22 32.05 -20.01
CA MET A 157 -16.16 31.97 -18.88
C MET A 157 -17.46 31.27 -19.23
N ASN A 158 -18.06 31.63 -20.36
CA ASN A 158 -19.28 30.98 -20.82
C ASN A 158 -19.09 29.49 -21.04
N PHE A 159 -18.00 29.14 -21.72
CA PHE A 159 -17.69 27.73 -21.91
C PHE A 159 -17.58 26.99 -20.57
N VAL A 160 -16.78 27.51 -19.64
CA VAL A 160 -16.52 26.85 -18.34
C VAL A 160 -17.82 26.71 -17.56
N LYS A 161 -18.64 27.76 -17.57
CA LYS A 161 -19.95 27.68 -16.92
C LYS A 161 -20.80 26.62 -17.56
N ALA A 162 -20.82 26.55 -18.89
CA ALA A 162 -21.59 25.49 -19.53
C ALA A 162 -21.02 24.12 -19.11
N LEU A 163 -19.70 23.91 -19.24
CA LEU A 163 -19.03 22.67 -18.78
C LEU A 163 -19.40 22.28 -17.34
N ILE A 164 -19.33 23.23 -16.42
CA ILE A 164 -19.64 22.95 -15.03
C ILE A 164 -21.13 22.59 -14.81
N GLY A 165 -22.01 23.30 -15.53
CA GLY A 165 -23.43 22.95 -15.59
C GLY A 165 -23.74 21.52 -16.01
N LYS A 166 -23.06 21.03 -17.04
CA LYS A 166 -23.27 19.62 -17.43
C LYS A 166 -22.81 18.64 -16.36
N TYR A 167 -21.68 18.93 -15.73
CA TYR A 167 -21.26 18.15 -14.58
C TYR A 167 -22.30 18.18 -13.47
N MET A 168 -22.77 19.38 -13.11
CA MET A 168 -23.81 19.55 -12.08
C MET A 168 -25.06 18.76 -12.45
N ASP A 169 -25.45 18.83 -13.73
CA ASP A 169 -26.65 18.11 -14.19
C ASP A 169 -26.49 16.62 -13.95
N PHE A 170 -25.28 16.11 -14.11
CA PHE A 170 -25.04 14.69 -13.83
C PHE A 170 -25.20 14.38 -12.36
N PHE A 171 -24.55 15.16 -11.50
CA PHE A 171 -24.60 14.90 -10.06
C PHE A 171 -25.94 15.25 -9.39
N ALA A 172 -26.79 16.02 -10.06
CA ALA A 172 -28.16 16.34 -9.60
C ALA A 172 -28.93 15.05 -9.29
N GLY A 173 -29.50 14.97 -8.10
CA GLY A 173 -30.24 13.78 -7.72
C GLY A 173 -29.34 12.63 -7.31
N LYS A 174 -28.03 12.76 -7.51
CA LYS A 174 -27.15 11.67 -7.08
C LYS A 174 -26.30 12.03 -5.85
N THR A 175 -26.01 13.31 -5.68
CA THR A 175 -25.20 13.72 -4.54
C THR A 175 -25.86 14.94 -3.89
N LYS A 176 -25.52 15.25 -2.64
CA LYS A 176 -26.18 16.37 -1.95
C LYS A 176 -25.45 17.69 -2.18
N ILE A 177 -24.13 17.59 -2.27
CA ILE A 177 -23.29 18.75 -2.25
C ILE A 177 -22.47 18.79 -3.53
N PHE A 178 -22.20 19.99 -4.02
CA PHE A 178 -21.26 20.17 -5.13
C PHE A 178 -20.29 21.27 -4.75
N ASN A 179 -19.01 20.92 -4.75
CA ASN A 179 -17.92 21.84 -4.43
C ASN A 179 -17.30 22.45 -5.71
N PHE A 180 -17.39 23.76 -5.85
CA PHE A 180 -16.82 24.41 -7.02
C PHE A 180 -15.47 25.12 -6.75
N GLY A 181 -14.91 24.88 -5.57
CA GLY A 181 -13.54 25.25 -5.23
C GLY A 181 -13.29 26.74 -5.04
N THR A 182 -12.59 27.33 -6.02
CA THR A 182 -12.22 28.76 -6.08
C THR A 182 -11.00 29.12 -5.22
N ASP A 183 -10.36 28.12 -4.64
CA ASP A 183 -9.11 28.35 -3.90
C ASP A 183 -7.96 28.86 -4.81
N GLU A 184 -7.06 29.66 -4.22
CA GLU A 184 -5.77 30.04 -4.83
C GLU A 184 -5.83 30.60 -6.24
N TYR A 185 -6.61 31.66 -6.43
CA TYR A 185 -6.74 32.25 -7.75
C TYR A 185 -5.37 32.69 -8.24
N ALA A 186 -4.95 32.20 -9.40
CA ALA A 186 -3.68 32.59 -10.03
C ALA A 186 -2.44 32.59 -9.12
N ASN A 187 -2.35 31.63 -8.20
CA ASN A 187 -1.15 31.49 -7.38
C ASN A 187 0.19 31.46 -8.17
N ASP A 188 0.18 30.73 -9.28
CA ASP A 188 1.37 30.51 -10.11
C ASP A 188 1.88 31.77 -10.80
N ALA A 189 1.03 32.77 -10.98
CA ALA A 189 1.32 33.96 -11.76
C ALA A 189 1.36 35.24 -10.91
N THR A 190 1.14 35.11 -9.60
CA THR A 190 1.15 36.25 -8.68
C THR A 190 2.02 36.01 -7.43
N SER A 191 2.83 34.94 -7.46
CA SER A 191 3.53 34.43 -6.28
C SER A 191 2.54 34.26 -5.12
N ALA A 192 1.43 33.59 -5.40
CA ALA A 192 0.43 33.26 -4.39
C ALA A 192 -0.09 34.50 -3.67
N GLN A 193 -0.41 35.52 -4.47
CA GLN A 193 -0.97 36.76 -3.98
C GLN A 193 -2.15 37.11 -4.86
N GLY A 194 -2.86 36.08 -5.33
CA GLY A 194 -3.95 36.24 -6.28
C GLY A 194 -5.04 37.20 -5.87
N TRP A 195 -5.44 37.22 -4.59
CA TRP A 195 -6.55 38.06 -4.15
C TRP A 195 -6.17 39.53 -4.17
N TYR A 196 -4.93 39.77 -3.80
CA TYR A 196 -4.37 41.10 -3.81
C TYR A 196 -4.29 41.60 -5.24
N TYR A 197 -3.86 40.74 -6.15
CA TYR A 197 -3.87 41.06 -7.56
C TYR A 197 -5.25 41.36 -8.13
N LEU A 198 -6.27 40.59 -7.73
CA LEU A 198 -7.63 40.86 -8.19
C LEU A 198 -8.11 42.23 -7.69
N LYS A 199 -7.85 42.51 -6.41
N LYS A 199 -7.87 42.50 -6.40
CA LYS A 199 -8.23 43.78 -5.79
CA LYS A 199 -8.19 43.78 -5.77
C LYS A 199 -7.48 44.92 -6.49
C LYS A 199 -7.50 44.89 -6.56
N TRP A 200 -6.19 44.72 -6.73
CA TRP A 200 -5.35 45.68 -7.45
C TRP A 200 -5.91 46.07 -8.79
N TYR A 201 -6.31 45.09 -9.60
CA TYR A 201 -6.81 45.42 -10.93
C TYR A 201 -8.33 45.61 -11.02
N GLN A 202 -8.98 45.70 -9.86
CA GLN A 202 -10.43 45.86 -9.75
C GLN A 202 -11.17 44.75 -10.45
N LEU A 203 -10.79 43.52 -10.13
CA LEU A 203 -11.41 42.37 -10.74
C LEU A 203 -12.03 41.44 -9.69
N TYR A 204 -12.00 41.89 -8.43
CA TYR A 204 -12.56 41.09 -7.32
C TYR A 204 -14.10 40.99 -7.36
N GLY A 205 -14.76 42.10 -7.68
CA GLY A 205 -16.20 42.10 -7.94
C GLY A 205 -16.55 41.10 -9.04
N LYS A 206 -15.70 41.03 -10.03
CA LYS A 206 -15.85 40.08 -11.11
C LYS A 206 -15.64 38.60 -10.66
N PHE A 207 -14.75 38.41 -9.69
CA PHE A 207 -14.59 37.09 -9.07
C PHE A 207 -15.86 36.69 -8.32
N ALA A 208 -16.38 37.63 -7.54
CA ALA A 208 -17.55 37.33 -6.74
C ALA A 208 -18.70 36.91 -7.64
N GLU A 209 -18.98 37.67 -8.69
CA GLU A 209 -20.13 37.31 -9.51
C GLU A 209 -19.96 35.93 -10.16
N TYR A 210 -18.72 35.60 -10.55
CA TYR A 210 -18.38 34.26 -11.00
C TYR A 210 -18.72 33.23 -9.89
N ALA A 211 -18.14 33.40 -8.71
CA ALA A 211 -18.49 32.56 -7.56
C ALA A 211 -20.02 32.50 -7.28
N ASN A 212 -20.69 33.64 -7.31
CA ASN A 212 -22.15 33.70 -7.05
C ASN A 212 -22.99 32.95 -8.12
N THR A 213 -22.54 32.97 -9.36
CA THR A 213 -23.22 32.27 -10.44
C THR A 213 -23.07 30.78 -10.26
N LEU A 214 -21.85 30.33 -9.93
CA LEU A 214 -21.67 28.89 -9.69
C LEU A 214 -22.54 28.46 -8.51
N ALA A 215 -22.56 29.28 -7.46
CA ALA A 215 -23.42 29.00 -6.32
C ALA A 215 -24.89 28.86 -6.75
N ALA A 216 -25.38 29.84 -7.52
CA ALA A 216 -26.76 29.83 -8.04
C ALA A 216 -27.05 28.60 -8.91
N MET A 217 -26.11 28.26 -9.79
CA MET A 217 -26.25 27.09 -10.67
C MET A 217 -26.40 25.80 -9.86
N ALA A 218 -25.62 25.71 -8.79
CA ALA A 218 -25.71 24.57 -7.89
C ALA A 218 -27.09 24.51 -7.25
N LYS A 219 -27.54 25.61 -6.64
CA LYS A 219 -28.83 25.58 -5.92
C LYS A 219 -30.00 25.26 -6.84
N GLU A 220 -29.95 25.82 -8.03
CA GLU A 220 -31.01 25.65 -9.00
C GLU A 220 -31.13 24.18 -9.40
N ARG A 221 -30.00 23.45 -9.38
CA ARG A 221 -29.99 22.01 -9.69
C ARG A 221 -30.15 21.13 -8.46
N GLY A 222 -30.58 21.75 -7.34
CA GLY A 222 -30.80 21.06 -6.08
C GLY A 222 -29.54 20.50 -5.40
N LEU A 223 -28.39 21.11 -5.68
CA LEU A 223 -27.14 20.73 -5.03
C LEU A 223 -26.78 21.83 -4.07
N GLN A 224 -26.45 21.45 -2.83
CA GLN A 224 -25.93 22.40 -1.87
C GLN A 224 -24.55 22.83 -2.37
N PRO A 225 -24.37 24.15 -2.66
CA PRO A 225 -23.04 24.59 -3.10
C PRO A 225 -22.01 24.58 -1.95
N MET A 226 -20.79 24.17 -2.29
CA MET A 226 -19.67 24.24 -1.35
C MET A 226 -18.55 24.97 -2.07
N ALA A 227 -17.66 25.61 -1.30
CA ALA A 227 -16.48 26.25 -1.86
C ALA A 227 -15.44 26.43 -0.77
N PHE A 228 -14.16 26.44 -1.16
CA PHE A 228 -13.07 26.80 -0.22
C PHE A 228 -13.21 28.27 0.23
N ASN A 229 -12.75 28.57 1.43
CA ASN A 229 -12.86 29.91 1.97
C ASN A 229 -12.04 31.04 1.32
N ASP A 230 -10.94 30.70 0.64
CA ASP A 230 -9.97 31.73 0.20
C ASP A 230 -10.57 33.05 -0.31
N GLY A 231 -11.52 32.97 -1.24
CA GLY A 231 -11.90 34.14 -1.99
C GLY A 231 -13.12 34.86 -1.49
N PHE A 232 -13.64 34.42 -0.36
CA PHE A 232 -14.84 34.95 0.22
C PHE A 232 -14.47 36.02 1.24
N TYR A 233 -14.91 37.26 0.99
CA TYR A 233 -14.73 38.37 1.93
C TYR A 233 -13.28 38.51 2.33
N TYR A 234 -12.39 38.38 1.36
CA TYR A 234 -10.95 38.56 1.55
C TYR A 234 -10.64 39.76 2.45
N GLU A 235 -9.69 39.58 3.37
CA GLU A 235 -9.31 40.64 4.32
C GLU A 235 -10.46 41.17 5.18
N ASP A 236 -11.51 40.37 5.39
CA ASP A 236 -12.65 40.77 6.21
C ASP A 236 -13.33 42.07 5.70
N LYS A 237 -13.35 42.27 4.38
CA LYS A 237 -13.98 43.45 3.77
C LYS A 237 -15.26 43.00 3.10
N ASP A 238 -16.25 43.87 3.02
CA ASP A 238 -17.55 43.45 2.49
C ASP A 238 -18.14 44.39 1.47
N ASP A 239 -17.29 45.14 0.77
CA ASP A 239 -17.79 46.01 -0.29
C ASP A 239 -18.18 45.17 -1.53
N VAL A 240 -17.71 43.92 -1.56
CA VAL A 240 -18.05 42.98 -2.63
C VAL A 240 -18.81 41.82 -1.97
N GLN A 241 -20.08 41.65 -2.31
CA GLN A 241 -20.92 40.70 -1.59
C GLN A 241 -20.88 39.30 -2.19
N PHE A 242 -21.06 38.29 -1.32
CA PHE A 242 -21.04 36.88 -1.73
C PHE A 242 -22.35 36.15 -1.34
N ASP A 243 -22.68 35.09 -2.09
CA ASP A 243 -23.83 34.23 -1.81
C ASP A 243 -23.64 33.64 -0.40
N LYS A 244 -24.65 33.78 0.45
CA LYS A 244 -24.58 33.38 1.86
C LYS A 244 -24.92 31.90 2.09
N ASP A 245 -25.34 31.19 1.04
CA ASP A 245 -25.75 29.80 1.16
C ASP A 245 -24.66 28.80 0.88
N VAL A 246 -23.46 29.28 0.53
CA VAL A 246 -22.38 28.37 0.25
C VAL A 246 -21.88 27.79 1.54
N LEU A 247 -21.74 26.47 1.55
CA LEU A 247 -20.98 25.75 2.57
C LEU A 247 -19.49 26.06 2.37
N ILE A 248 -18.87 26.66 3.37
CA ILE A 248 -17.46 26.99 3.30
C ILE A 248 -16.55 25.86 3.82
N SER A 249 -15.80 25.24 2.94
CA SER A 249 -14.77 24.30 3.33
C SER A 249 -13.56 25.19 3.78
N TYR A 250 -13.46 25.37 5.10
CA TYR A 250 -12.49 26.30 5.69
C TYR A 250 -11.22 25.53 6.03
N TRP A 251 -10.12 25.88 5.39
CA TRP A 251 -8.87 25.12 5.58
C TRP A 251 -7.74 25.90 6.25
N SER A 252 -7.80 27.23 6.16
CA SER A 252 -6.71 28.10 6.60
C SER A 252 -7.07 29.58 6.45
N LYS A 253 -6.48 30.41 7.30
CA LYS A 253 -6.62 31.86 7.15
C LYS A 253 -5.47 32.47 6.32
N GLY A 254 -4.61 31.62 5.76
CA GLY A 254 -3.55 32.10 4.88
C GLY A 254 -2.27 32.48 5.61
N TRP A 255 -1.38 33.16 4.87
N TRP A 255 -1.36 33.19 4.94
CA TRP A 255 -0.01 33.38 5.28
CA TRP A 255 -0.11 33.63 5.57
C TRP A 255 0.34 34.81 5.06
C TRP A 255 0.43 34.89 4.95
N TRP A 256 1.59 35.20 5.33
N TRP A 256 1.44 35.46 5.59
CA TRP A 256 1.96 36.59 5.11
CA TRP A 256 2.15 36.63 5.04
C TRP A 256 1.60 37.10 3.75
C TRP A 256 1.64 37.12 3.71
N GLY A 257 0.68 38.05 3.71
CA GLY A 257 0.17 38.63 2.44
C GLY A 257 -0.83 37.76 1.65
N TYR A 258 -1.40 36.77 2.33
CA TYR A 258 -2.51 35.98 1.81
C TYR A 258 -3.57 36.09 2.91
N ASN A 259 -4.17 37.29 2.98
CA ASN A 259 -4.98 37.73 4.13
C ASN A 259 -6.47 37.37 4.03
N LEU A 260 -6.71 36.07 4.10
CA LEU A 260 -8.03 35.50 4.04
C LEU A 260 -8.91 35.96 5.20
N ALA A 261 -10.20 36.08 4.94
CA ALA A 261 -11.21 36.22 5.99
C ALA A 261 -11.04 35.20 7.12
N SER A 262 -11.21 35.68 8.36
CA SER A 262 -11.18 34.79 9.50
C SER A 262 -12.44 33.90 9.56
N PRO A 263 -12.36 32.78 10.29
CA PRO A 263 -13.60 32.04 10.44
C PRO A 263 -14.66 32.84 11.24
N GLN A 264 -14.21 33.59 12.26
CA GLN A 264 -15.07 34.53 13.01
C GLN A 264 -15.83 35.48 12.06
N TYR A 265 -15.10 36.12 11.14
CA TYR A 265 -15.73 37.02 10.19
C TYR A 265 -16.78 36.34 9.28
N LEU A 266 -16.44 35.21 8.65
CA LEU A 266 -17.43 34.47 7.82
C LEU A 266 -18.63 33.98 8.64
N ALA A 267 -18.41 33.56 9.89
CA ALA A 267 -19.54 33.16 10.72
C ALA A 267 -20.45 34.35 11.00
N SER A 268 -19.86 35.54 11.13
CA SER A 268 -20.64 36.75 11.35
C SER A 268 -21.47 37.11 10.11
N LYS A 269 -21.07 36.62 8.93
CA LYS A 269 -21.83 36.90 7.71
C LYS A 269 -22.93 35.85 7.45
N GLY A 270 -23.01 34.87 8.34
CA GLY A 270 -24.01 33.80 8.27
C GLY A 270 -23.53 32.43 7.80
N TYR A 271 -22.24 32.29 7.47
CA TYR A 271 -21.75 31.04 6.87
C TYR A 271 -21.69 29.86 7.80
N LYS A 272 -21.94 28.70 7.22
CA LYS A 272 -21.71 27.40 7.85
C LYS A 272 -20.39 26.82 7.32
N PHE A 273 -19.67 26.09 8.15
CA PHE A 273 -18.37 25.55 7.75
C PHE A 273 -18.35 24.04 7.67
N LEU A 274 -17.64 23.53 6.68
CA LEU A 274 -17.09 22.18 6.73
C LEU A 274 -15.63 22.33 7.21
N ASN A 275 -15.33 21.86 8.42
CA ASN A 275 -14.02 22.10 9.00
C ASN A 275 -12.93 21.28 8.27
N THR A 276 -12.21 21.91 7.34
CA THR A 276 -11.27 21.20 6.46
C THR A 276 -9.86 21.58 6.89
N ASN A 277 -9.61 21.44 8.19
CA ASN A 277 -8.42 21.98 8.78
C ASN A 277 -7.14 21.53 8.08
N GLY A 278 -6.36 22.51 7.62
CA GLY A 278 -5.04 22.26 7.04
C GLY A 278 -4.12 21.42 7.91
N ASP A 279 -4.39 21.38 9.20
CA ASP A 279 -3.58 20.57 10.11
C ASP A 279 -3.65 19.08 9.76
N TRP A 280 -4.75 18.68 9.12
CA TRP A 280 -4.94 17.27 8.78
C TRP A 280 -4.47 16.89 7.40
N TYR A 281 -3.97 17.87 6.63
CA TYR A 281 -3.49 17.61 5.26
C TYR A 281 -2.37 16.54 5.18
N TYR A 282 -2.47 15.68 4.18
CA TYR A 282 -1.36 14.82 3.78
C TYR A 282 -1.19 14.87 2.27
N ILE A 283 0.04 15.19 1.84
CA ILE A 283 0.36 15.31 0.42
C ILE A 283 1.14 14.07 0.09
N LEU A 284 0.69 13.28 -0.89
CA LEU A 284 1.35 12.00 -1.14
C LEU A 284 2.84 12.24 -1.32
N GLY A 285 3.64 11.45 -0.61
CA GLY A 285 5.09 11.45 -0.76
C GLY A 285 5.84 12.51 0.02
N GLN A 286 5.12 13.39 0.72
CA GLN A 286 5.77 14.44 1.52
C GLN A 286 6.53 13.85 2.71
N LYS A 287 7.85 14.09 2.76
CA LYS A 287 8.68 13.53 3.83
C LYS A 287 8.72 14.48 5.05
N PRO A 288 9.08 13.96 6.25
CA PRO A 288 9.30 14.86 7.39
C PRO A 288 10.28 16.01 7.11
N GLU A 289 11.36 15.72 6.39
CA GLU A 289 12.37 16.73 5.96
C GLU A 289 11.79 17.89 5.16
N ASP A 290 10.79 17.59 4.34
CA ASP A 290 10.12 18.58 3.50
C ASP A 290 9.31 19.58 4.35
N GLY A 291 9.09 19.27 5.64
CA GLY A 291 8.13 20.03 6.45
C GLY A 291 6.71 19.92 5.87
N GLY A 292 5.82 20.84 6.21
CA GLY A 292 4.44 20.81 5.69
C GLY A 292 3.66 19.56 6.07
N GLY A 293 2.75 19.14 5.20
CA GLY A 293 1.84 18.04 5.51
C GLY A 293 2.38 16.66 5.17
N PHE A 294 3.32 16.18 5.98
CA PHE A 294 3.84 14.83 5.83
C PHE A 294 3.03 13.91 6.73
N LEU A 295 3.13 12.61 6.52
CA LEU A 295 2.24 11.66 7.17
C LEU A 295 2.26 11.71 8.69
N LYS A 296 3.44 11.79 9.30
CA LYS A 296 3.53 11.77 10.77
C LYS A 296 2.87 12.99 11.42
N LYS A 297 2.98 14.15 10.75
CA LYS A 297 2.39 15.38 11.24
C LYS A 297 0.86 15.32 11.19
N ALA A 298 0.30 14.97 10.01
CA ALA A 298 -1.14 14.77 9.86
C ALA A 298 -1.68 13.79 10.90
N ILE A 299 -0.99 12.67 11.08
CA ILE A 299 -1.41 11.69 12.10
C ILE A 299 -1.40 12.28 13.51
N GLU A 300 -0.32 12.98 13.86
CA GLU A 300 -0.18 13.64 15.16
C GLU A 300 -1.34 14.65 15.31
N ASN A 301 -1.60 15.41 14.24
CA ASN A 301 -2.60 16.46 14.30
C ASN A 301 -4.04 16.01 14.47
N THR A 302 -4.34 14.77 14.05
CA THR A 302 -5.67 14.20 14.33
C THR A 302 -5.80 14.01 15.84
N GLY A 303 -4.65 13.90 16.52
CA GLY A 303 -4.64 13.89 17.99
C GLY A 303 -4.69 15.29 18.60
N LYS A 304 -3.85 16.20 18.12
CA LYS A 304 -3.71 17.54 18.71
C LYS A 304 -4.84 18.49 18.33
N THR A 305 -5.39 18.33 17.11
CA THR A 305 -6.40 19.30 16.65
C THR A 305 -7.82 18.77 16.88
N PRO A 306 -8.60 19.46 17.75
CA PRO A 306 -9.96 18.99 18.04
C PRO A 306 -10.84 18.95 16.78
N PHE A 307 -11.75 17.98 16.74
CA PHE A 307 -12.66 17.79 15.61
C PHE A 307 -13.31 19.09 15.09
N ASN A 308 -13.64 19.99 16.01
CA ASN A 308 -14.41 21.19 15.72
C ASN A 308 -13.59 22.46 15.62
N GLN A 309 -12.27 22.32 15.70
CA GLN A 309 -11.40 23.48 15.67
C GLN A 309 -11.11 23.93 14.25
N LEU A 310 -11.65 25.11 13.91
CA LEU A 310 -11.37 25.72 12.61
C LEU A 310 -9.96 26.28 12.61
N ALA A 311 -9.25 26.07 11.49
CA ALA A 311 -7.92 26.65 11.31
C ALA A 311 -7.93 28.11 11.74
N SER A 312 -6.91 28.47 12.53
CA SER A 312 -6.62 29.83 13.03
C SER A 312 -7.38 30.18 14.29
N THR A 313 -8.14 29.21 14.81
CA THR A 313 -8.86 29.42 16.06
C THR A 313 -8.47 28.36 17.10
N LYS A 314 -8.62 28.73 18.37
CA LYS A 314 -8.42 27.81 19.49
C LYS A 314 -9.76 27.30 20.05
N TYR A 315 -9.94 25.99 20.06
CA TYR A 315 -11.19 25.40 20.52
C TYR A 315 -11.04 24.90 21.96
N PRO A 316 -12.08 25.08 22.81
CA PRO A 316 -13.38 25.75 22.55
C PRO A 316 -13.49 27.25 22.91
N GLU A 317 -12.38 27.94 23.10
N GLU A 317 -12.35 27.90 23.11
CA GLU A 317 -12.50 29.39 23.37
CA GLU A 317 -12.31 29.35 23.29
C GLU A 317 -13.25 30.12 22.25
C GLU A 317 -13.22 30.05 22.26
N VAL A 318 -13.05 29.66 21.01
CA VAL A 318 -13.83 30.14 19.88
C VAL A 318 -14.53 28.88 19.39
N ASP A 319 -15.84 28.95 19.28
CA ASP A 319 -16.65 27.77 18.97
C ASP A 319 -17.65 28.17 17.91
N LEU A 320 -17.32 27.84 16.67
CA LEU A 320 -18.13 28.24 15.54
C LEU A 320 -18.91 27.06 14.97
N PRO A 321 -20.07 27.34 14.35
CA PRO A 321 -20.89 26.21 13.93
C PRO A 321 -20.40 25.55 12.64
N THR A 322 -20.18 24.24 12.73
CA THR A 322 -19.73 23.41 11.63
C THR A 322 -20.71 22.27 11.42
N VAL A 323 -20.78 21.77 10.19
CA VAL A 323 -21.62 20.60 9.90
C VAL A 323 -20.85 19.30 10.08
N GLY A 324 -19.56 19.41 10.41
CA GLY A 324 -18.64 18.29 10.36
C GLY A 324 -17.25 18.74 9.95
N SER A 325 -16.40 17.78 9.61
CA SER A 325 -14.98 18.03 9.37
C SER A 325 -14.51 17.14 8.27
N MET A 326 -13.42 17.55 7.63
CA MET A 326 -12.91 16.86 6.48
C MET A 326 -11.41 16.72 6.59
N LEU A 327 -10.91 15.50 6.49
CA LEU A 327 -9.45 15.24 6.40
C LEU A 327 -9.07 15.10 4.91
N SER A 328 -7.97 15.74 4.50
CA SER A 328 -7.73 15.86 3.09
C SER A 328 -6.44 15.21 2.64
N ILE A 329 -6.54 14.44 1.57
CA ILE A 329 -5.40 13.78 0.93
C ILE A 329 -5.17 14.47 -0.41
N TRP A 330 -3.99 15.05 -0.59
CA TRP A 330 -3.65 15.82 -1.79
C TRP A 330 -2.55 15.18 -2.60
N ALA A 331 -2.48 15.53 -3.89
CA ALA A 331 -1.49 14.93 -4.78
C ALA A 331 -0.70 15.98 -5.55
N ASP A 332 -0.28 17.04 -4.83
CA ASP A 332 0.56 18.12 -5.36
C ASP A 332 1.61 17.67 -6.38
N ARG A 333 2.33 16.60 -6.06
N ARG A 333 2.28 16.57 -6.07
CA ARG A 333 3.20 15.96 -7.05
CA ARG A 333 3.20 15.93 -7.00
C ARG A 333 2.52 14.65 -7.42
C ARG A 333 2.53 14.62 -7.41
N PRO A 334 1.77 14.64 -8.53
CA PRO A 334 0.92 13.48 -8.83
C PRO A 334 1.67 12.19 -9.22
N SER A 335 2.96 12.29 -9.55
CA SER A 335 3.77 11.09 -9.80
C SER A 335 4.28 10.38 -8.53
N ALA A 336 4.03 10.97 -7.36
CA ALA A 336 4.25 10.29 -6.07
C ALA A 336 3.36 9.04 -6.01
N GLU A 337 3.85 7.98 -5.40
CA GLU A 337 3.04 6.76 -5.37
C GLU A 337 1.88 6.91 -4.37
N TYR A 338 0.68 6.50 -4.79
CA TYR A 338 -0.45 6.41 -3.84
C TYR A 338 -0.32 5.12 -3.06
N LYS A 339 -0.03 5.26 -1.77
CA LYS A 339 0.13 4.11 -0.90
C LYS A 339 -1.11 3.98 -0.03
N GLU A 340 -1.97 3.05 -0.41
CA GLU A 340 -3.27 2.86 0.22
C GLU A 340 -3.21 2.88 1.74
N GLU A 341 -2.29 2.13 2.31
CA GLU A 341 -2.24 1.98 3.77
C GLU A 341 -1.79 3.24 4.51
N GLU A 342 -1.12 4.16 3.81
CA GLU A 342 -0.78 5.44 4.46
C GLU A 342 -2.10 6.18 4.73
N ILE A 343 -2.95 6.21 3.70
CA ILE A 343 -4.21 6.93 3.72
C ILE A 343 -5.12 6.28 4.77
N PHE A 344 -5.13 4.95 4.79
CA PHE A 344 -5.92 4.16 5.75
C PHE A 344 -5.50 4.42 7.20
N GLU A 345 -4.20 4.43 7.44
CA GLU A 345 -3.69 4.70 8.78
C GLU A 345 -4.08 6.10 9.24
N LEU A 346 -3.95 7.08 8.35
CA LEU A 346 -4.34 8.44 8.65
C LEU A 346 -5.86 8.51 8.86
N MET A 347 -6.61 7.80 8.02
CA MET A 347 -8.09 7.78 8.17
C MET A 347 -8.47 7.17 9.51
N THR A 348 -7.72 6.13 9.91
CA THR A 348 -8.01 5.39 11.12
C THR A 348 -7.78 6.23 12.38
N ALA A 349 -6.68 6.97 12.40
CA ALA A 349 -6.31 7.77 13.55
C ALA A 349 -7.30 8.91 13.77
N PHE A 350 -7.75 9.53 12.69
CA PHE A 350 -8.76 10.59 12.81
C PHE A 350 -10.06 10.04 13.42
N ALA A 351 -10.45 8.84 13.01
CA ALA A 351 -11.61 8.18 13.58
C ALA A 351 -11.33 7.76 15.01
N ASP A 352 -10.16 7.17 15.26
CA ASP A 352 -9.83 6.68 16.62
C ASP A 352 -9.75 7.76 17.65
N HIS A 353 -9.28 8.95 17.27
CA HIS A 353 -9.27 10.10 18.18
C HIS A 353 -10.61 10.77 18.34
N ASN A 354 -11.59 10.44 17.50
CA ASN A 354 -12.92 11.08 17.61
C ASN A 354 -14.06 10.08 17.65
N LYS A 355 -13.92 9.07 18.52
CA LYS A 355 -14.83 7.92 18.47
C LYS A 355 -16.29 8.28 18.65
N ASP A 356 -16.53 9.35 19.41
N ASP A 356 -16.58 9.34 19.42
CA ASP A 356 -17.85 9.92 19.67
CA ASP A 356 -17.97 9.77 19.62
C ASP A 356 -18.57 10.42 18.41
C ASP A 356 -18.61 10.34 18.36
N TYR A 357 -17.79 10.74 17.39
CA TYR A 357 -18.32 11.33 16.15
C TYR A 357 -18.48 10.33 15.02
N PHE A 358 -17.74 9.23 15.10
CA PHE A 358 -17.72 8.26 14.04
C PHE A 358 -18.63 7.09 14.37
N ARG A 359 -19.33 6.61 13.35
CA ARG A 359 -20.20 5.45 13.48
C ARG A 359 -19.33 4.23 13.73
N ALA A 360 -19.93 3.23 14.37
CA ALA A 360 -19.38 1.89 14.41
C ALA A 360 -19.33 1.33 12.99
N ASN A 361 -18.79 0.12 12.88
CA ASN A 361 -18.60 -0.55 11.59
C ASN A 361 -19.77 -1.49 11.28
N TYR A 362 -20.58 -1.10 10.30
CA TYR A 362 -21.80 -1.84 9.96
C TYR A 362 -21.66 -2.78 8.74
N ASN A 363 -20.44 -3.01 8.24
CA ASN A 363 -20.22 -3.89 7.09
C ASN A 363 -20.58 -5.36 7.35
N ALA A 364 -20.18 -5.89 8.50
CA ALA A 364 -20.59 -7.26 8.88
C ALA A 364 -22.12 -7.41 9.12
N LEU A 365 -22.76 -6.41 9.74
CA LEU A 365 -24.23 -6.44 9.90
C LEU A 365 -24.94 -6.46 8.55
N ARG A 366 -24.47 -5.64 7.61
CA ARG A 366 -25.02 -5.64 6.26
C ARG A 366 -24.83 -6.99 5.59
N GLU A 367 -23.65 -7.58 5.75
CA GLU A 367 -23.30 -8.84 5.09
C GLU A 367 -24.21 -9.96 5.59
N GLU A 368 -24.50 -9.91 6.89
CA GLU A 368 -25.37 -10.85 7.56
C GLU A 368 -26.83 -10.69 7.18
N LEU A 369 -27.32 -9.45 7.20
CA LEU A 369 -28.68 -9.15 6.76
C LEU A 369 -29.01 -9.74 5.40
N ALA A 370 -28.08 -9.66 4.45
CA ALA A 370 -28.33 -10.14 3.10
C ALA A 370 -28.13 -11.66 2.93
N LYS A 371 -28.11 -12.38 4.04
CA LYS A 371 -27.98 -13.84 4.02
C LYS A 371 -29.33 -14.53 4.19
N ILE A 372 -30.27 -13.82 4.83
CA ILE A 372 -31.64 -14.30 5.10
C ILE A 372 -32.28 -15.15 3.98
N SER A 380 -38.99 -22.24 8.22
CA SER A 380 -40.20 -21.85 8.93
C SER A 380 -40.41 -22.64 10.23
N LYS A 381 -40.80 -21.93 11.29
CA LYS A 381 -41.30 -22.50 12.58
C LYS A 381 -41.32 -21.44 13.70
N GLU A 382 -40.86 -21.81 14.90
CA GLU A 382 -40.56 -20.85 15.97
C GLU A 382 -39.12 -20.34 15.82
N SER A 383 -38.47 -20.77 14.73
CA SER A 383 -37.14 -20.28 14.33
C SER A 383 -37.24 -19.09 13.35
N LEU A 384 -38.45 -18.80 12.87
CA LEU A 384 -38.74 -17.53 12.20
C LEU A 384 -39.04 -16.46 13.26
N GLU A 385 -39.52 -16.90 14.43
CA GLU A 385 -39.71 -16.02 15.59
C GLU A 385 -38.38 -15.50 16.13
N ALA A 386 -37.38 -16.38 16.19
CA ALA A 386 -36.03 -16.03 16.65
C ALA A 386 -35.31 -15.01 15.72
N LEU A 387 -35.30 -15.29 14.41
CA LEU A 387 -34.69 -14.39 13.41
C LEU A 387 -35.27 -13.00 13.51
N ASP A 388 -36.55 -12.90 13.90
CA ASP A 388 -37.15 -11.59 14.10
C ASP A 388 -36.65 -10.87 15.34
N ALA A 389 -36.58 -11.56 16.48
CA ALA A 389 -36.14 -10.93 17.75
C ALA A 389 -34.69 -10.44 17.70
N ALA A 390 -33.90 -11.06 16.83
CA ALA A 390 -32.51 -10.65 16.63
C ALA A 390 -32.48 -9.43 15.71
N LYS A 391 -33.32 -9.46 14.66
CA LYS A 391 -33.49 -8.37 13.71
C LYS A 391 -33.93 -7.11 14.46
N THR A 392 -34.82 -7.31 15.44
CA THR A 392 -35.41 -6.23 16.23
C THR A 392 -34.41 -5.59 17.19
N ALA A 393 -33.44 -6.38 17.65
CA ALA A 393 -32.49 -5.91 18.64
C ALA A 393 -31.32 -5.16 17.99
N LEU A 394 -31.29 -5.12 16.67
CA LEU A 394 -30.27 -4.35 15.96
C LEU A 394 -30.31 -2.86 16.32
N ASN A 395 -29.14 -2.30 16.63
CA ASN A 395 -28.98 -0.88 16.95
C ASN A 395 -28.12 -0.25 15.85
N TYR A 396 -28.68 0.74 15.14
CA TYR A 396 -28.01 1.35 13.97
C TYR A 396 -27.34 2.64 14.36
N ASN A 397 -27.48 2.97 15.64
CA ASN A 397 -27.07 4.25 16.16
C ASN A 397 -25.76 4.19 16.94
N LEU A 398 -25.05 3.06 16.87
CA LEU A 398 -23.84 2.91 17.69
C LEU A 398 -22.62 3.64 17.12
N ASN A 399 -21.86 4.29 18.02
CA ASN A 399 -20.65 4.99 17.58
C ASN A 399 -19.44 4.05 17.60
N ARG A 400 -18.25 4.59 17.29
CA ARG A 400 -17.02 3.77 17.21
C ARG A 400 -16.53 3.26 18.59
N ASN A 401 -17.06 3.82 19.69
CA ASN A 401 -16.74 3.33 21.03
C ASN A 401 -17.43 2.00 21.32
N LYS A 402 -18.41 1.64 20.48
CA LYS A 402 -19.36 0.57 20.79
C LYS A 402 -19.35 -0.58 19.79
N GLN A 403 -18.18 -0.89 19.26
CA GLN A 403 -18.08 -1.92 18.25
C GLN A 403 -18.40 -3.31 18.81
N ALA A 404 -17.98 -3.57 20.05
CA ALA A 404 -18.16 -4.88 20.67
C ALA A 404 -19.64 -5.15 20.90
N GLU A 405 -20.36 -4.11 21.29
CA GLU A 405 -21.82 -4.16 21.48
C GLU A 405 -22.47 -4.53 20.13
N LEU A 406 -22.02 -3.89 19.06
CA LEU A 406 -22.53 -4.18 17.72
C LEU A 406 -22.19 -5.59 17.29
N ASP A 407 -20.95 -6.01 17.53
CA ASP A 407 -20.53 -7.39 17.16
C ASP A 407 -21.41 -8.45 17.80
N THR A 408 -21.78 -8.24 19.06
CA THR A 408 -22.67 -9.15 19.77
C THR A 408 -24.06 -9.22 19.13
N LEU A 409 -24.62 -8.05 18.79
CA LEU A 409 -25.92 -8.00 18.10
C LEU A 409 -25.86 -8.71 16.76
N VAL A 410 -24.74 -8.56 16.06
CA VAL A 410 -24.56 -9.26 14.79
C VAL A 410 -24.40 -10.75 15.03
N ALA A 411 -23.73 -11.12 16.12
CA ALA A 411 -23.47 -12.52 16.44
C ALA A 411 -24.79 -13.24 16.73
N ASN A 412 -25.65 -12.59 17.51
CA ASN A 412 -27.03 -13.09 17.77
C ASN A 412 -27.85 -13.32 16.52
N LEU A 413 -27.72 -12.43 15.54
CA LEU A 413 -28.46 -12.54 14.28
C LEU A 413 -27.91 -13.67 13.40
N LYS A 414 -26.59 -13.83 13.39
CA LYS A 414 -25.97 -14.99 12.76
C LYS A 414 -26.52 -16.29 13.40
N ALA A 415 -26.48 -16.35 14.73
CA ALA A 415 -26.96 -17.51 15.48
C ALA A 415 -28.38 -17.89 15.04
N ALA A 416 -29.27 -16.88 15.04
CA ALA A 416 -30.68 -17.04 14.70
C ALA A 416 -30.90 -17.51 13.26
N LEU A 417 -30.09 -16.99 12.33
CA LEU A 417 -30.21 -17.40 10.93
C LEU A 417 -29.68 -18.84 10.69
N GLN A 418 -29.12 -19.46 11.72
CA GLN A 418 -28.59 -20.83 11.60
C GLN A 418 -29.39 -21.90 12.37
N ARG B 1 24.55 -17.15 -23.80
CA ARG B 1 24.64 -17.83 -22.48
C ARG B 1 23.24 -17.97 -21.86
N GLY B 2 22.30 -18.38 -22.71
CA GLY B 2 20.92 -18.60 -22.28
C GLY B 2 19.97 -17.93 -23.25
N SER B 3 18.98 -18.70 -23.71
CA SER B 3 17.89 -18.14 -24.50
C SER B 3 16.98 -17.32 -23.58
N HIS B 4 16.10 -16.52 -24.16
CA HIS B 4 15.08 -15.81 -23.39
C HIS B 4 14.27 -16.70 -22.48
N MET B 5 13.87 -17.86 -22.99
CA MET B 5 13.18 -18.88 -22.22
C MET B 5 13.94 -19.36 -20.99
N GLU B 6 15.21 -19.70 -21.19
CA GLU B 6 16.07 -20.26 -20.12
C GLU B 6 16.27 -19.23 -19.02
N LYS B 7 16.38 -17.98 -19.43
CA LYS B 7 16.66 -16.91 -18.50
C LYS B 7 15.43 -16.62 -17.67
N LEU B 8 14.26 -16.60 -18.30
CA LEU B 8 13.03 -16.33 -17.55
C LEU B 8 12.63 -17.50 -16.67
N ALA B 9 13.07 -18.70 -17.04
CA ALA B 9 12.70 -19.89 -16.29
C ALA B 9 13.38 -19.90 -14.90
N LYS B 10 14.46 -19.11 -14.79
CA LYS B 10 15.26 -19.04 -13.57
C LYS B 10 14.47 -18.31 -12.51
N ASN B 11 14.67 -18.72 -11.25
CA ASN B 11 14.13 -18.00 -10.12
C ASN B 11 14.87 -16.72 -9.90
N LYS B 12 14.11 -15.67 -9.63
CA LYS B 12 14.62 -14.40 -9.13
C LYS B 12 13.90 -14.21 -7.83
N VAL B 13 14.65 -14.28 -6.73
CA VAL B 13 14.07 -14.29 -5.40
C VAL B 13 14.54 -13.09 -4.61
N ILE B 14 13.60 -12.48 -3.89
CA ILE B 14 13.96 -11.51 -2.86
C ILE B 14 13.73 -12.15 -1.49
N SER B 15 14.74 -12.10 -0.62
CA SER B 15 14.66 -12.71 0.73
C SER B 15 14.44 -11.67 1.82
N ILE B 16 13.49 -11.96 2.71
CA ILE B 16 13.17 -11.03 3.80
C ILE B 16 13.25 -11.77 5.13
N ASP B 17 14.01 -11.21 6.05
CA ASP B 17 14.24 -11.79 7.37
C ASP B 17 13.17 -11.31 8.31
N ALA B 18 12.04 -11.99 8.23
CA ALA B 18 10.91 -11.78 9.14
C ALA B 18 10.92 -12.81 10.33
N GLY B 19 12.09 -13.41 10.58
CA GLY B 19 12.29 -14.23 11.78
C GLY B 19 12.80 -13.37 12.92
N ARG B 20 13.83 -12.58 12.68
CA ARG B 20 14.39 -11.69 13.70
C ARG B 20 13.45 -10.51 14.04
N LYS B 21 12.79 -9.97 13.01
CA LYS B 21 12.04 -8.73 13.09
C LYS B 21 10.62 -8.94 12.54
N TYR B 22 9.65 -8.22 13.11
CA TYR B 22 8.27 -8.29 12.65
C TYR B 22 8.01 -7.43 11.40
N PHE B 23 7.31 -8.00 10.42
CA PHE B 23 6.84 -7.26 9.24
C PHE B 23 5.35 -7.48 9.21
N THR B 24 4.58 -6.42 8.94
CA THR B 24 3.13 -6.57 8.81
C THR B 24 2.79 -7.26 7.49
N LEU B 25 1.57 -7.80 7.43
CA LEU B 25 1.05 -8.36 6.16
C LEU B 25 1.15 -7.31 5.03
N ASN B 26 0.82 -6.08 5.37
CA ASN B 26 0.87 -5.03 4.41
C ASN B 26 2.26 -4.71 3.89
N GLN B 27 3.24 -4.65 4.79
CA GLN B 27 4.62 -4.49 4.37
C GLN B 27 5.01 -5.65 3.44
N LEU B 28 4.53 -6.84 3.74
CA LEU B 28 4.96 -7.98 2.98
C LEU B 28 4.23 -8.01 1.62
N LYS B 29 2.95 -7.58 1.62
CA LYS B 29 2.21 -7.44 0.37
C LYS B 29 2.90 -6.43 -0.56
N ARG B 30 3.43 -5.36 0.01
CA ARG B 30 4.09 -4.34 -0.80
C ARG B 30 5.42 -4.85 -1.35
N ILE B 31 6.13 -5.65 -0.55
CA ILE B 31 7.30 -6.33 -1.09
C ILE B 31 6.94 -7.27 -2.25
N VAL B 32 5.88 -8.10 -2.11
CA VAL B 32 5.50 -8.99 -3.25
C VAL B 32 5.04 -8.19 -4.47
N ASP B 33 4.33 -7.08 -4.25
CA ASP B 33 3.87 -6.24 -5.36
C ASP B 33 5.05 -5.64 -6.14
N LYS B 34 6.02 -5.07 -5.42
CA LYS B 34 7.27 -4.54 -5.98
C LYS B 34 8.11 -5.64 -6.65
N ALA B 35 8.10 -6.84 -6.06
CA ALA B 35 8.78 -7.99 -6.63
C ALA B 35 8.17 -8.35 -7.97
N SER B 36 6.83 -8.36 -8.03
CA SER B 36 6.12 -8.62 -9.29
C SER B 36 6.41 -7.55 -10.36
N GLU B 37 6.38 -6.28 -9.95
CA GLU B 37 6.60 -5.16 -10.85
C GLU B 37 8.01 -5.21 -11.47
N LEU B 38 9.00 -5.48 -10.63
CA LEU B 38 10.40 -5.54 -11.04
C LEU B 38 10.78 -6.82 -11.78
N GLY B 39 9.90 -7.83 -11.73
CA GLY B 39 10.15 -9.04 -12.51
C GLY B 39 10.67 -10.24 -11.77
N TYR B 40 10.69 -10.19 -10.44
CA TYR B 40 11.06 -11.35 -9.63
C TYR B 40 10.04 -12.46 -9.78
N SER B 41 10.43 -13.69 -9.48
CA SER B 41 9.52 -14.85 -9.46
C SER B 41 9.02 -15.24 -8.06
N ASP B 42 9.83 -14.99 -7.01
CA ASP B 42 9.49 -15.46 -5.66
C ASP B 42 9.86 -14.49 -4.55
N VAL B 43 9.09 -14.55 -3.47
CA VAL B 43 9.56 -13.98 -2.22
C VAL B 43 9.99 -15.09 -1.23
N HIS B 44 11.21 -14.94 -0.70
CA HIS B 44 11.73 -15.85 0.32
C HIS B 44 11.46 -15.28 1.69
N LEU B 45 10.64 -15.99 2.47
CA LEU B 45 10.20 -15.43 3.75
C LEU B 45 10.66 -16.20 4.94
N LEU B 46 11.67 -15.69 5.64
CA LEU B 46 12.09 -16.36 6.85
C LEU B 46 11.08 -16.05 7.98
N LEU B 47 10.49 -17.10 8.57
CA LEU B 47 9.50 -16.93 9.66
C LEU B 47 10.04 -17.46 10.99
N GLY B 48 10.97 -18.40 10.89
CA GLY B 48 11.71 -18.88 12.03
C GLY B 48 13.13 -18.58 11.65
N ASN B 49 13.69 -17.56 12.27
CA ASN B 49 15.11 -17.21 12.18
C ASN B 49 15.47 -16.42 13.44
N ASP B 50 15.99 -17.11 14.46
CA ASP B 50 16.19 -16.57 15.82
C ASP B 50 14.82 -16.40 16.54
N GLY B 51 14.02 -15.43 16.10
CA GLY B 51 12.61 -15.35 16.51
C GLY B 51 11.77 -16.30 15.66
N LEU B 52 10.58 -16.63 16.15
CA LEU B 52 9.64 -17.43 15.39
C LEU B 52 8.37 -16.61 15.29
N ARG B 53 8.06 -16.14 14.09
CA ARG B 53 7.06 -15.10 13.93
C ARG B 53 5.89 -15.57 13.06
N PHE B 54 5.37 -16.75 13.40
CA PHE B 54 4.27 -17.37 12.65
C PHE B 54 3.62 -18.45 13.52
N LEU B 55 2.34 -18.24 13.82
CA LEU B 55 1.54 -19.22 14.54
C LEU B 55 0.42 -19.78 13.64
N LEU B 56 0.36 -21.10 13.52
CA LEU B 56 -0.80 -21.76 12.94
C LEU B 56 -2.01 -21.63 13.86
N ASP B 57 -3.22 -21.68 13.31
CA ASP B 57 -4.42 -21.66 14.16
C ASP B 57 -4.42 -22.82 15.17
N ASP B 58 -3.98 -23.99 14.72
CA ASP B 58 -3.86 -25.15 15.59
C ASP B 58 -2.39 -25.53 15.77
N MET B 59 -1.85 -25.21 16.95
CA MET B 59 -0.45 -25.49 17.29
C MET B 59 -0.25 -26.68 18.24
N THR B 60 -1.19 -27.64 18.22
CA THR B 60 -1.06 -28.83 19.03
C THR B 60 0.12 -29.68 18.53
N ILE B 61 1.02 -30.06 19.44
CA ILE B 61 2.17 -30.87 19.05
C ILE B 61 2.13 -32.19 19.76
N THR B 62 2.28 -33.26 18.99
CA THR B 62 2.47 -34.57 19.60
C THR B 62 3.91 -35.11 19.37
N ALA B 63 4.62 -35.36 20.48
CA ALA B 63 6.02 -35.75 20.50
C ALA B 63 6.40 -36.25 21.88
N ASN B 64 7.36 -37.15 21.95
CA ASN B 64 7.88 -37.71 23.21
C ASN B 64 6.77 -38.44 24.00
N GLY B 65 5.79 -38.97 23.25
CA GLY B 65 4.70 -39.78 23.81
C GLY B 65 3.70 -38.98 24.63
N LYS B 66 3.73 -37.67 24.47
CA LYS B 66 2.78 -36.80 25.16
C LYS B 66 2.27 -35.77 24.16
N THR B 67 1.34 -34.94 24.60
CA THR B 67 0.81 -33.90 23.75
C THR B 67 0.88 -32.52 24.38
N TYR B 68 1.23 -31.54 23.55
CA TYR B 68 1.42 -30.19 24.01
C TYR B 68 0.25 -29.42 23.40
N ALA B 69 -0.63 -28.94 24.26
CA ALA B 69 -1.86 -28.30 23.84
C ALA B 69 -1.60 -27.03 23.04
N SER B 70 -2.40 -26.86 21.99
CA SER B 70 -2.31 -25.68 21.12
C SER B 70 -2.11 -24.35 21.82
N ASP B 71 -2.95 -24.06 22.81
CA ASP B 71 -2.84 -22.82 23.57
C ASP B 71 -1.49 -22.68 24.28
N ASP B 72 -0.98 -23.77 24.87
CA ASP B 72 0.29 -23.71 25.61
C ASP B 72 1.49 -23.50 24.68
N VAL B 73 1.41 -24.11 23.50
CA VAL B 73 2.46 -24.01 22.48
C VAL B 73 2.56 -22.58 21.94
N LYS B 74 1.42 -21.94 21.69
CA LYS B 74 1.40 -20.55 21.25
C LYS B 74 1.98 -19.63 22.32
N LYS B 75 1.55 -19.81 23.56
CA LYS B 75 1.99 -18.95 24.65
C LYS B 75 3.52 -19.08 24.81
N ALA B 76 4.00 -20.32 24.73
CA ALA B 76 5.42 -20.62 24.84
C ALA B 76 6.21 -19.99 23.70
N ILE B 77 5.67 -20.09 22.48
CA ILE B 77 6.30 -19.47 21.33
C ILE B 77 6.25 -17.94 21.44
N ILE B 78 5.10 -17.38 21.82
CA ILE B 78 5.02 -15.92 22.00
C ILE B 78 6.11 -15.47 22.97
N GLU B 79 6.25 -16.21 24.07
CA GLU B 79 7.28 -15.94 25.08
C GLU B 79 8.71 -16.10 24.57
N GLY B 80 8.98 -17.18 23.85
CA GLY B 80 10.30 -17.40 23.24
C GLY B 80 10.71 -16.27 22.29
N THR B 81 9.77 -15.87 21.43
CA THR B 81 10.04 -14.85 20.45
C THR B 81 10.23 -13.48 21.13
N LYS B 82 9.33 -13.12 22.02
CA LYS B 82 9.53 -11.88 22.79
C LYS B 82 10.86 -11.86 23.58
N ALA B 83 11.34 -13.03 24.02
CA ALA B 83 12.59 -13.07 24.82
C ALA B 83 13.80 -12.84 23.95
N TYR B 84 13.72 -13.26 22.69
CA TYR B 84 14.75 -12.95 21.72
C TYR B 84 14.69 -11.45 21.38
N TYR B 85 13.49 -10.94 21.10
CA TYR B 85 13.29 -9.53 20.75
C TYR B 85 11.81 -9.17 20.73
N ASP B 86 11.41 -8.41 21.74
CA ASP B 86 10.03 -8.02 21.91
C ASP B 86 9.76 -6.81 21.04
N ASP B 87 9.46 -7.09 19.77
CA ASP B 87 9.32 -6.07 18.76
C ASP B 87 8.02 -5.29 19.01
N PRO B 88 8.13 -3.94 19.12
CA PRO B 88 6.92 -3.13 19.36
C PRO B 88 5.91 -3.15 18.19
N ASN B 89 6.40 -3.42 16.99
CA ASN B 89 5.53 -3.48 15.80
C ASN B 89 4.60 -4.69 15.74
N GLY B 90 4.99 -5.78 16.39
CA GLY B 90 4.18 -7.02 16.46
C GLY B 90 5.02 -8.23 16.88
N THR B 91 4.37 -9.38 17.04
CA THR B 91 5.08 -10.56 17.49
C THR B 91 5.13 -11.64 16.41
N ALA B 92 3.97 -12.08 15.93
CA ALA B 92 3.91 -13.16 14.94
C ALA B 92 2.74 -12.96 13.99
N LEU B 93 2.96 -13.40 12.76
CA LEU B 93 1.93 -13.45 11.73
C LEU B 93 0.96 -14.59 12.03
N THR B 94 -0.33 -14.37 11.75
CA THR B 94 -1.36 -15.42 11.89
C THR B 94 -1.47 -16.30 10.63
N GLN B 95 -2.15 -17.43 10.78
CA GLN B 95 -2.45 -18.31 9.66
C GLN B 95 -3.27 -17.62 8.57
N ALA B 96 -4.28 -16.82 8.94
CA ALA B 96 -5.06 -16.09 7.93
C ALA B 96 -4.16 -15.12 7.15
N GLU B 97 -3.23 -14.51 7.85
CA GLU B 97 -2.31 -13.56 7.23
C GLU B 97 -1.42 -14.23 6.20
N VAL B 98 -0.71 -15.29 6.59
CA VAL B 98 0.14 -16.02 5.66
C VAL B 98 -0.66 -16.64 4.47
N THR B 99 -1.83 -17.19 4.73
CA THR B 99 -2.73 -17.65 3.69
C THR B 99 -3.05 -16.54 2.67
N GLU B 100 -3.41 -15.35 3.16
CA GLU B 100 -3.74 -14.19 2.32
C GLU B 100 -2.52 -13.75 1.51
N LEU B 101 -1.34 -13.75 2.15
CA LEU B 101 -0.11 -13.37 1.45
C LEU B 101 0.16 -14.32 0.30
N ILE B 102 -0.04 -15.63 0.55
CA ILE B 102 0.22 -16.64 -0.46
C ILE B 102 -0.70 -16.42 -1.68
N GLU B 103 -2.02 -16.34 -1.45
CA GLU B 103 -2.96 -16.06 -2.53
C GLU B 103 -2.66 -14.77 -3.28
N TYR B 104 -2.29 -13.71 -2.55
CA TYR B 104 -2.00 -12.40 -3.14
C TYR B 104 -0.77 -12.51 -4.06
N ALA B 105 0.30 -13.11 -3.55
CA ALA B 105 1.48 -13.37 -4.36
C ALA B 105 1.15 -14.19 -5.62
N LYS B 106 0.36 -15.25 -5.46
CA LYS B 106 -0.05 -16.12 -6.55
C LYS B 106 -0.80 -15.35 -7.64
N SER B 107 -1.66 -14.43 -7.23
CA SER B 107 -2.41 -13.61 -8.17
C SER B 107 -1.50 -12.67 -8.98
N LYS B 108 -0.22 -12.55 -8.56
CA LYS B 108 0.78 -11.72 -9.27
C LYS B 108 1.93 -12.55 -9.84
N ASP B 109 1.73 -13.86 -9.89
CA ASP B 109 2.70 -14.81 -10.43
C ASP B 109 3.96 -14.83 -9.56
N ILE B 110 3.79 -14.66 -8.25
CA ILE B 110 4.91 -14.69 -7.30
C ILE B 110 4.75 -15.88 -6.37
N GLY B 111 5.77 -16.72 -6.29
CA GLY B 111 5.81 -17.79 -5.31
C GLY B 111 6.32 -17.33 -3.93
N LEU B 112 5.85 -17.99 -2.88
CA LEU B 112 6.40 -17.80 -1.54
C LEU B 112 7.28 -19.00 -1.15
N ILE B 113 8.48 -18.74 -0.65
CA ILE B 113 9.33 -19.82 -0.17
C ILE B 113 9.55 -19.56 1.32
N PRO B 114 8.88 -20.32 2.20
CA PRO B 114 9.04 -20.09 3.64
C PRO B 114 10.31 -20.72 4.18
N ALA B 115 10.85 -20.16 5.25
CA ALA B 115 12.02 -20.74 5.92
C ALA B 115 11.76 -20.81 7.41
N ILE B 116 11.93 -22.00 7.99
CA ILE B 116 11.89 -22.14 9.44
C ILE B 116 13.23 -22.73 9.88
N ASN B 117 14.09 -21.89 10.43
CA ASN B 117 15.47 -22.27 10.74
C ASN B 117 15.60 -23.17 11.98
N SER B 118 16.45 -24.18 11.83
CA SER B 118 16.97 -25.05 12.89
C SER B 118 18.12 -25.84 12.21
N PRO B 119 19.03 -26.47 13.00
CA PRO B 119 19.01 -26.46 14.46
C PRO B 119 19.69 -25.22 15.05
N GLY B 120 20.24 -24.36 14.21
CA GLY B 120 20.72 -23.06 14.66
C GLY B 120 19.63 -22.03 14.55
N HIS B 121 19.95 -20.79 14.93
CA HIS B 121 19.06 -19.66 14.79
C HIS B 121 17.66 -20.00 15.28
N MET B 122 17.55 -20.56 16.47
CA MET B 122 16.25 -20.97 16.94
C MET B 122 16.07 -20.60 18.40
N ASP B 123 16.65 -19.46 18.77
CA ASP B 123 16.48 -18.85 20.12
C ASP B 123 15.07 -18.96 20.65
N ALA B 124 14.09 -18.50 19.87
CA ALA B 124 12.69 -18.52 20.30
C ALA B 124 12.20 -19.93 20.60
N MET B 125 12.53 -20.89 19.74
CA MET B 125 12.11 -22.28 19.95
C MET B 125 12.73 -22.90 21.19
N LEU B 126 13.99 -22.54 21.47
CA LEU B 126 14.67 -23.07 22.66
C LEU B 126 13.93 -22.67 23.94
N VAL B 127 13.56 -21.39 24.04
CA VAL B 127 12.87 -20.88 25.23
C VAL B 127 11.42 -21.41 25.31
N ALA B 128 10.74 -21.44 24.16
CA ALA B 128 9.41 -22.01 24.10
C ALA B 128 9.45 -23.43 24.68
N MET B 129 10.46 -24.20 24.32
CA MET B 129 10.65 -25.55 24.86
C MET B 129 10.86 -25.58 26.38
N GLU B 130 11.73 -24.71 26.88
CA GLU B 130 11.88 -24.58 28.33
C GLU B 130 10.52 -24.33 28.99
N LYS B 131 9.75 -23.39 28.42
CA LYS B 131 8.42 -23.07 28.94
C LYS B 131 7.44 -24.24 28.87
N LEU B 132 7.73 -25.22 28.03
CA LEU B 132 6.83 -26.34 27.85
C LEU B 132 7.27 -27.54 28.67
N GLY B 133 8.32 -27.34 29.49
CA GLY B 133 8.83 -28.39 30.34
C GLY B 133 9.99 -29.18 29.76
N ILE B 134 10.48 -28.78 28.59
CA ILE B 134 11.63 -29.46 27.96
C ILE B 134 12.92 -28.78 28.40
N LYS B 135 13.67 -29.45 29.28
CA LYS B 135 14.82 -28.82 29.95
C LYS B 135 16.10 -28.93 29.11
N ASN B 136 16.92 -27.89 29.16
CA ASN B 136 18.21 -27.86 28.44
C ASN B 136 18.12 -28.27 26.96
N PRO B 137 17.25 -27.58 26.20
CA PRO B 137 17.30 -27.87 24.77
C PRO B 137 18.57 -27.31 24.11
N GLN B 138 19.39 -26.56 24.84
CA GLN B 138 20.53 -25.83 24.23
C GLN B 138 21.78 -26.67 24.02
N ALA B 139 22.44 -26.43 22.89
CA ALA B 139 23.81 -26.90 22.70
C ALA B 139 24.73 -26.28 23.74
N HIS B 140 25.70 -27.07 24.21
CA HIS B 140 26.62 -26.63 25.25
C HIS B 140 28.05 -26.95 24.86
N PHE B 141 28.83 -25.91 24.58
CA PHE B 141 30.23 -26.07 24.24
C PHE B 141 31.12 -25.18 25.13
N ASP B 142 31.70 -24.12 24.57
CA ASP B 142 32.46 -23.15 25.36
C ASP B 142 31.55 -22.25 26.21
N LYS B 143 30.25 -22.53 26.14
CA LYS B 143 29.21 -21.87 26.90
C LYS B 143 27.91 -22.47 26.42
N VAL B 144 26.81 -22.11 27.08
CA VAL B 144 25.50 -22.63 26.73
C VAL B 144 24.99 -21.73 25.60
N SER B 145 24.75 -22.32 24.43
CA SER B 145 24.24 -21.54 23.29
C SER B 145 22.91 -20.92 23.65
N LYS B 146 22.65 -19.75 23.09
CA LYS B 146 21.34 -19.14 23.12
C LYS B 146 20.58 -19.32 21.79
N THR B 147 21.19 -19.95 20.80
CA THR B 147 20.66 -19.94 19.43
C THR B 147 20.43 -21.32 18.87
N THR B 148 21.13 -22.29 19.47
CA THR B 148 21.28 -23.59 18.85
C THR B 148 20.85 -24.74 19.77
N MET B 149 20.17 -25.72 19.18
CA MET B 149 19.69 -26.90 19.89
C MET B 149 20.78 -27.96 20.04
N ASP B 150 20.79 -28.60 21.22
CA ASP B 150 21.62 -29.77 21.50
C ASP B 150 21.16 -30.99 20.71
N LEU B 151 22.03 -31.49 19.83
CA LEU B 151 21.71 -32.67 19.01
C LEU B 151 21.66 -33.98 19.78
N LYS B 152 22.21 -34.00 21.00
CA LYS B 152 22.13 -35.16 21.90
C LYS B 152 20.80 -35.24 22.63
N ASN B 153 20.06 -34.14 22.69
CA ASN B 153 18.82 -34.04 23.46
C ASN B 153 17.63 -34.55 22.66
N GLU B 154 17.21 -35.78 22.90
CA GLU B 154 16.16 -36.40 22.08
C GLU B 154 14.78 -35.76 22.33
N GLU B 155 14.50 -35.42 23.58
CA GLU B 155 13.24 -34.77 23.90
C GLU B 155 13.06 -33.52 23.01
N ALA B 156 14.10 -32.68 22.96
CA ALA B 156 14.10 -31.41 22.23
C ALA B 156 14.00 -31.62 20.71
N MET B 157 14.80 -32.55 20.19
CA MET B 157 14.81 -32.88 18.76
C MET B 157 13.44 -33.40 18.29
N ASN B 158 12.83 -34.29 19.07
CA ASN B 158 11.51 -34.79 18.73
C ASN B 158 10.50 -33.68 18.66
N PHE B 159 10.49 -32.82 19.67
CA PHE B 159 9.57 -31.71 19.68
C PHE B 159 9.76 -30.84 18.43
N VAL B 160 11.01 -30.47 18.13
CA VAL B 160 11.28 -29.56 17.04
C VAL B 160 10.87 -30.17 15.69
N LYS B 161 11.18 -31.45 15.50
CA LYS B 161 10.76 -32.14 14.30
C LYS B 161 9.26 -32.11 14.17
N ALA B 162 8.54 -32.34 15.26
CA ALA B 162 7.09 -32.29 15.20
C ALA B 162 6.64 -30.86 14.86
N LEU B 163 7.21 -29.85 15.54
CA LEU B 163 6.92 -28.43 15.22
C LEU B 163 7.15 -28.10 13.73
N ILE B 164 8.26 -28.56 13.16
CA ILE B 164 8.57 -28.27 11.74
C ILE B 164 7.58 -29.00 10.81
N GLY B 165 7.30 -30.26 11.14
CA GLY B 165 6.35 -31.07 10.38
C GLY B 165 5.01 -30.38 10.26
N LYS B 166 4.50 -29.89 11.37
CA LYS B 166 3.23 -29.19 11.35
C LYS B 166 3.30 -27.91 10.50
N TYR B 167 4.41 -27.17 10.55
CA TYR B 167 4.60 -26.05 9.61
C TYR B 167 4.62 -26.50 8.14
N MET B 168 5.34 -27.58 7.86
CA MET B 168 5.36 -28.13 6.53
C MET B 168 3.95 -28.55 6.05
N ASP B 169 3.17 -29.19 6.96
CA ASP B 169 1.79 -29.60 6.69
C ASP B 169 0.98 -28.43 6.15
N PHE B 170 1.17 -27.27 6.75
CA PHE B 170 0.48 -26.06 6.31
C PHE B 170 0.92 -25.61 4.92
N PHE B 171 2.22 -25.64 4.66
CA PHE B 171 2.70 -25.13 3.39
C PHE B 171 2.54 -26.12 2.26
N ALA B 172 2.31 -27.40 2.61
CA ALA B 172 1.98 -28.46 1.66
C ALA B 172 0.86 -28.02 0.74
N GLY B 173 1.11 -28.10 -0.56
CA GLY B 173 0.14 -27.70 -1.56
C GLY B 173 -0.04 -26.19 -1.69
N LYS B 174 0.75 -25.41 -0.95
CA LYS B 174 0.65 -23.97 -1.10
C LYS B 174 1.96 -23.38 -1.62
N THR B 175 3.08 -24.05 -1.34
CA THR B 175 4.38 -23.57 -1.78
C THR B 175 5.21 -24.72 -2.39
N LYS B 176 6.19 -24.41 -3.21
CA LYS B 176 6.93 -25.44 -3.91
C LYS B 176 8.10 -25.87 -3.06
N ILE B 177 8.69 -24.90 -2.37
CA ILE B 177 9.96 -25.06 -1.70
C ILE B 177 9.80 -24.78 -0.21
N PHE B 178 10.51 -25.54 0.62
CA PHE B 178 10.57 -25.25 2.05
C PHE B 178 12.03 -25.27 2.45
N ASN B 179 12.46 -24.17 3.06
CA ASN B 179 13.85 -23.98 3.49
C ASN B 179 13.96 -24.19 5.00
N PHE B 180 14.71 -25.22 5.39
CA PHE B 180 14.90 -25.54 6.79
C PHE B 180 16.24 -25.04 7.36
N GLY B 181 16.99 -24.30 6.56
CA GLY B 181 18.12 -23.51 7.05
C GLY B 181 19.39 -24.30 7.33
N THR B 182 19.66 -24.46 8.62
CA THR B 182 20.80 -25.19 9.20
C THR B 182 22.12 -24.40 9.14
N ASP B 183 22.08 -23.11 8.78
CA ASP B 183 23.31 -22.30 8.75
C ASP B 183 23.87 -22.03 10.17
N GLU B 184 25.19 -21.89 10.25
CA GLU B 184 25.85 -21.34 11.45
C GLU B 184 25.53 -22.05 12.76
N TYR B 185 25.71 -23.38 12.80
CA TYR B 185 25.46 -24.13 13.99
C TYR B 185 26.26 -23.62 15.20
N ALA B 186 25.55 -23.30 16.28
CA ALA B 186 26.15 -22.89 17.56
C ALA B 186 27.27 -21.85 17.44
N ASN B 187 27.11 -20.89 16.53
CA ASN B 187 28.08 -19.83 16.35
C ASN B 187 28.36 -18.97 17.62
N ASP B 188 27.31 -18.70 18.40
CA ASP B 188 27.43 -17.93 19.63
C ASP B 188 28.23 -18.64 20.73
N ALA B 189 28.30 -19.97 20.66
CA ALA B 189 28.88 -20.81 21.70
C ALA B 189 30.22 -21.41 21.32
N THR B 190 30.70 -21.12 20.10
CA THR B 190 31.93 -21.70 19.58
C THR B 190 32.85 -20.67 18.90
N SER B 191 32.52 -19.39 19.03
CA SER B 191 33.19 -18.31 18.27
C SER B 191 33.10 -18.54 16.76
N ALA B 192 31.90 -18.95 16.32
CA ALA B 192 31.61 -19.16 14.89
C ALA B 192 32.49 -20.26 14.29
N GLN B 193 32.67 -21.32 15.06
CA GLN B 193 33.45 -22.46 14.64
C GLN B 193 32.61 -23.70 14.82
N GLY B 194 31.31 -23.57 14.61
CA GLY B 194 30.34 -24.63 14.91
C GLY B 194 30.62 -26.00 14.30
N TRP B 195 31.06 -26.05 13.06
CA TRP B 195 31.25 -27.32 12.37
C TRP B 195 32.48 -28.03 12.89
N TYR B 196 33.52 -27.27 13.18
CA TYR B 196 34.72 -27.82 13.77
C TYR B 196 34.39 -28.42 15.14
N TYR B 197 33.61 -27.70 15.96
CA TYR B 197 33.14 -28.27 17.22
C TYR B 197 32.36 -29.57 17.07
N LEU B 198 31.46 -29.66 16.09
CA LEU B 198 30.70 -30.88 15.88
C LEU B 198 31.63 -32.06 15.53
N LYS B 199 32.64 -31.79 14.68
CA LYS B 199 33.64 -32.78 14.29
C LYS B 199 34.37 -33.20 15.55
N TRP B 200 34.89 -32.21 16.27
CA TRP B 200 35.62 -32.46 17.51
C TRP B 200 34.88 -33.39 18.44
N TYR B 201 33.58 -33.16 18.62
CA TYR B 201 32.82 -33.95 19.59
C TYR B 201 32.11 -35.17 18.98
N GLN B 202 32.48 -35.51 17.74
CA GLN B 202 31.84 -36.58 16.96
C GLN B 202 30.32 -36.49 16.88
N LEU B 203 29.86 -35.27 16.59
CA LEU B 203 28.42 -34.99 16.49
C LEU B 203 27.99 -34.55 15.08
N TYR B 204 28.94 -34.41 14.15
CA TYR B 204 28.63 -34.05 12.76
C TYR B 204 27.74 -35.09 12.03
N GLY B 205 27.91 -36.36 12.37
CA GLY B 205 27.03 -37.43 11.89
C GLY B 205 25.60 -37.22 12.36
N LYS B 206 25.44 -36.82 13.63
CA LYS B 206 24.12 -36.52 14.17
C LYS B 206 23.54 -35.26 13.51
N PHE B 207 24.40 -34.32 13.11
CA PHE B 207 23.86 -33.19 12.40
C PHE B 207 23.31 -33.63 11.03
N ALA B 208 24.06 -34.49 10.34
CA ALA B 208 23.62 -34.97 9.02
C ALA B 208 22.29 -35.73 9.14
N GLU B 209 22.25 -36.69 10.06
CA GLU B 209 21.02 -37.42 10.36
C GLU B 209 19.82 -36.47 10.49
N TYR B 210 20.00 -35.42 11.31
CA TYR B 210 19.00 -34.40 11.52
C TYR B 210 18.62 -33.65 10.22
N ALA B 211 19.61 -33.11 9.51
CA ALA B 211 19.31 -32.46 8.23
C ALA B 211 18.65 -33.42 7.22
N ASN B 212 19.11 -34.67 7.18
CA ASN B 212 18.50 -35.69 6.30
C ASN B 212 17.02 -36.01 6.65
N THR B 213 16.69 -36.01 7.94
CA THR B 213 15.29 -36.18 8.38
C THR B 213 14.43 -35.01 7.91
N LEU B 214 14.93 -33.78 8.08
CA LEU B 214 14.20 -32.60 7.60
C LEU B 214 14.04 -32.60 6.08
N ALA B 215 15.10 -32.99 5.36
CA ALA B 215 15.00 -33.15 3.90
C ALA B 215 13.90 -34.16 3.57
N ALA B 216 13.91 -35.33 4.22
CA ALA B 216 12.93 -36.39 3.98
C ALA B 216 11.49 -36.00 4.33
N MET B 217 11.32 -35.28 5.43
CA MET B 217 10.01 -34.72 5.80
C MET B 217 9.41 -33.75 4.76
N ALA B 218 10.24 -32.87 4.20
CA ALA B 218 9.79 -31.95 3.17
C ALA B 218 9.33 -32.71 1.92
N LYS B 219 10.17 -33.61 1.40
CA LYS B 219 9.82 -34.39 0.19
C LYS B 219 8.56 -35.23 0.38
N GLU B 220 8.44 -35.80 1.56
CA GLU B 220 7.26 -36.61 1.82
C GLU B 220 6.00 -35.76 1.76
N ARG B 221 6.09 -34.50 2.17
CA ARG B 221 4.95 -33.58 2.07
C ARG B 221 4.91 -32.80 0.76
N GLY B 222 5.59 -33.32 -0.27
CA GLY B 222 5.56 -32.70 -1.59
C GLY B 222 6.21 -31.32 -1.68
N LEU B 223 7.10 -31.01 -0.73
CA LEU B 223 7.88 -29.76 -0.74
C LEU B 223 9.31 -30.04 -1.20
N GLN B 224 9.84 -29.21 -2.10
CA GLN B 224 11.22 -29.34 -2.50
C GLN B 224 12.06 -28.82 -1.34
N PRO B 225 12.86 -29.68 -0.69
CA PRO B 225 13.67 -29.15 0.44
C PRO B 225 14.79 -28.20 0.00
N MET B 226 15.01 -27.18 0.80
CA MET B 226 16.11 -26.24 0.57
C MET B 226 16.82 -26.06 1.90
N ALA B 227 18.11 -25.74 1.83
CA ALA B 227 18.92 -25.48 2.99
C ALA B 227 20.13 -24.63 2.60
N PHE B 228 20.65 -23.85 3.54
CA PHE B 228 21.91 -23.11 3.36
C PHE B 228 23.08 -24.10 3.25
N ASN B 229 24.16 -23.67 2.59
CA ASN B 229 25.28 -24.58 2.32
C ASN B 229 26.15 -24.98 3.51
N ASP B 230 26.14 -24.20 4.59
CA ASP B 230 27.18 -24.33 5.63
C ASP B 230 27.48 -25.77 6.08
N GLY B 231 26.46 -26.54 6.44
CA GLY B 231 26.68 -27.82 7.10
C GLY B 231 26.84 -28.97 6.13
N PHE B 232 26.74 -28.68 4.85
CA PHE B 232 26.82 -29.73 3.87
C PHE B 232 28.27 -30.06 3.45
N TYR B 233 28.67 -31.29 3.74
CA TYR B 233 30.00 -31.78 3.35
C TYR B 233 31.10 -30.82 3.79
N TYR B 234 31.04 -30.37 5.03
CA TYR B 234 32.06 -29.46 5.57
C TYR B 234 33.49 -29.85 5.14
N GLU B 235 34.32 -28.86 4.78
CA GLU B 235 35.72 -29.12 4.34
C GLU B 235 35.85 -30.08 3.14
N ASP B 236 34.85 -30.13 2.26
CA ASP B 236 34.88 -31.08 1.14
C ASP B 236 35.17 -32.54 1.56
N LYS B 237 34.78 -32.92 2.77
CA LYS B 237 34.90 -34.29 3.26
C LYS B 237 33.58 -35.05 3.05
N ASP B 238 33.64 -36.35 2.75
CA ASP B 238 32.42 -37.14 2.55
C ASP B 238 32.30 -38.42 3.38
N ASP B 239 32.95 -38.48 4.54
CA ASP B 239 32.70 -39.62 5.45
C ASP B 239 31.24 -39.59 5.97
N VAL B 240 30.64 -38.40 6.02
CA VAL B 240 29.28 -38.22 6.49
C VAL B 240 28.42 -37.77 5.28
N GLN B 241 27.40 -38.56 4.95
CA GLN B 241 26.62 -38.35 3.72
C GLN B 241 25.36 -37.49 3.95
N PHE B 242 24.99 -36.75 2.90
CA PHE B 242 23.83 -35.90 2.95
C PHE B 242 22.86 -36.19 1.80
N ASP B 243 21.58 -35.90 2.03
CA ASP B 243 20.51 -36.06 1.06
C ASP B 243 20.85 -35.21 -0.17
N LYS B 244 20.81 -35.84 -1.36
CA LYS B 244 21.27 -35.19 -2.60
C LYS B 244 20.22 -34.31 -3.27
N ASP B 245 18.98 -34.42 -2.80
CA ASP B 245 17.84 -33.69 -3.35
C ASP B 245 17.62 -32.30 -2.77
N VAL B 246 18.44 -31.92 -1.78
CA VAL B 246 18.27 -30.62 -1.18
C VAL B 246 18.75 -29.56 -2.17
N LEU B 247 17.93 -28.54 -2.36
CA LEU B 247 18.34 -27.35 -3.07
C LEU B 247 19.27 -26.56 -2.15
N ILE B 248 20.49 -26.28 -2.60
CA ILE B 248 21.44 -25.56 -1.78
C ILE B 248 21.44 -24.03 -1.98
N SER B 249 20.90 -23.32 -0.99
CA SER B 249 21.00 -21.86 -0.96
C SER B 249 22.47 -21.50 -0.59
N TYR B 250 23.27 -21.22 -1.62
CA TYR B 250 24.73 -21.04 -1.45
C TYR B 250 25.07 -19.55 -1.34
N TRP B 251 25.60 -19.16 -0.19
CA TRP B 251 25.83 -17.75 0.12
C TRP B 251 27.28 -17.38 0.36
N SER B 252 28.11 -18.37 0.69
CA SER B 252 29.51 -18.16 1.04
C SER B 252 30.26 -19.47 1.30
N LYS B 253 31.56 -19.47 0.97
CA LYS B 253 32.42 -20.61 1.32
C LYS B 253 33.12 -20.41 2.69
N GLY B 254 32.81 -19.29 3.35
CA GLY B 254 33.30 -19.05 4.71
C GLY B 254 34.64 -18.35 4.84
N TRP B 255 35.02 -18.12 6.10
N TRP B 255 35.03 -18.05 6.07
CA TRP B 255 36.18 -17.32 6.46
CA TRP B 255 36.28 -17.34 6.33
C TRP B 255 37.23 -18.16 7.12
C TRP B 255 37.15 -18.00 7.37
N TRP B 256 38.31 -17.53 7.59
N TRP B 256 38.44 -17.71 7.34
CA TRP B 256 39.39 -18.31 8.19
CA TRP B 256 39.40 -18.23 8.32
C TRP B 256 38.93 -19.20 9.31
C TRP B 256 38.85 -19.21 9.31
N GLY B 257 38.97 -20.51 9.04
CA GLY B 257 38.53 -21.53 10.03
C GLY B 257 37.01 -21.73 10.09
N TYR B 258 36.34 -21.37 9.01
CA TYR B 258 34.94 -21.72 8.82
C TYR B 258 34.93 -22.33 7.43
N ASN B 259 35.42 -23.55 7.34
CA ASN B 259 35.87 -24.15 6.07
C ASN B 259 34.78 -24.89 5.32
N LEU B 260 33.85 -24.13 4.78
CA LEU B 260 32.69 -24.68 4.09
C LEU B 260 33.07 -25.41 2.79
N ALA B 261 32.27 -26.39 2.41
CA ALA B 261 32.38 -26.99 1.07
C ALA B 261 32.34 -25.93 -0.03
N SER B 262 33.22 -26.06 -1.03
CA SER B 262 33.16 -25.19 -2.18
C SER B 262 31.91 -25.45 -3.03
N PRO B 263 31.50 -24.46 -3.84
CA PRO B 263 30.43 -24.80 -4.76
C PRO B 263 30.81 -25.90 -5.76
N GLN B 264 32.06 -25.90 -6.22
CA GLN B 264 32.61 -26.96 -7.10
C GLN B 264 32.46 -28.34 -6.45
N TYR B 265 32.75 -28.45 -5.16
CA TYR B 265 32.64 -29.75 -4.51
C TYR B 265 31.18 -30.17 -4.35
N LEU B 266 30.30 -29.26 -3.93
CA LEU B 266 28.88 -29.64 -3.86
C LEU B 266 28.30 -30.01 -5.24
N ALA B 267 28.70 -29.28 -6.29
CA ALA B 267 28.23 -29.60 -7.64
C ALA B 267 28.64 -31.01 -8.02
N SER B 268 29.86 -31.41 -7.68
CA SER B 268 30.31 -32.76 -8.03
C SER B 268 29.51 -33.79 -7.24
N LYS B 269 28.85 -33.40 -6.15
CA LYS B 269 28.02 -34.33 -5.40
C LYS B 269 26.58 -34.43 -5.96
N GLY B 270 26.28 -33.67 -7.02
CA GLY B 270 24.94 -33.65 -7.61
C GLY B 270 24.09 -32.44 -7.24
N TYR B 271 24.62 -31.52 -6.46
CA TYR B 271 23.75 -30.47 -5.93
C TYR B 271 23.36 -29.39 -6.92
N LYS B 272 22.13 -28.90 -6.77
CA LYS B 272 21.67 -27.71 -7.46
C LYS B 272 21.73 -26.52 -6.49
N PHE B 273 22.01 -25.34 -7.03
CA PHE B 273 22.17 -24.15 -6.22
C PHE B 273 21.08 -23.14 -6.50
N LEU B 274 20.60 -22.51 -5.43
CA LEU B 274 19.96 -21.20 -5.52
C LEU B 274 21.08 -20.20 -5.17
N ASN B 275 21.52 -19.41 -6.14
CA ASN B 275 22.67 -18.52 -5.92
C ASN B 275 22.33 -17.39 -4.94
N THR B 276 22.69 -17.55 -3.67
CA THR B 276 22.29 -16.60 -2.62
C THR B 276 23.47 -15.74 -2.24
N ASN B 277 24.14 -15.18 -3.24
CA ASN B 277 25.45 -14.62 -2.99
C ASN B 277 25.49 -13.59 -1.87
N GLY B 278 26.39 -13.80 -0.90
CA GLY B 278 26.65 -12.84 0.17
C GLY B 278 27.01 -11.43 -0.30
N ASP B 279 27.51 -11.32 -1.52
CA ASP B 279 27.76 -9.99 -2.14
C ASP B 279 26.52 -9.09 -2.16
N TRP B 280 25.34 -9.68 -2.27
CA TRP B 280 24.10 -8.90 -2.37
C TRP B 280 23.43 -8.59 -1.05
N TYR B 281 24.03 -9.02 0.06
CA TYR B 281 23.38 -8.89 1.38
C TYR B 281 23.19 -7.41 1.79
N TYR B 282 22.06 -7.13 2.42
CA TYR B 282 21.85 -5.89 3.12
C TYR B 282 21.24 -6.11 4.52
N ILE B 283 21.90 -5.54 5.53
CA ILE B 283 21.51 -5.69 6.93
C ILE B 283 20.93 -4.34 7.33
N LEU B 284 19.66 -4.30 7.72
CA LEU B 284 18.99 -3.05 8.00
C LEU B 284 19.87 -2.19 8.92
N GLY B 285 20.10 -0.95 8.49
CA GLY B 285 20.84 0.04 9.28
C GLY B 285 22.35 -0.13 9.29
N GLN B 286 22.87 -1.16 8.62
CA GLN B 286 24.32 -1.28 8.45
C GLN B 286 24.86 -0.07 7.68
N LYS B 287 25.84 0.62 8.25
CA LYS B 287 26.43 1.80 7.58
C LYS B 287 27.80 1.46 6.98
N PRO B 288 28.29 2.30 6.03
CA PRO B 288 29.61 2.06 5.44
C PRO B 288 30.71 1.87 6.47
N GLU B 289 30.75 2.71 7.50
CA GLU B 289 31.76 2.60 8.56
C GLU B 289 31.79 1.21 9.23
N ASP B 290 30.63 0.56 9.31
CA ASP B 290 30.51 -0.77 9.90
C ASP B 290 31.12 -1.87 9.00
N GLY B 291 31.47 -1.51 7.75
CA GLY B 291 31.79 -2.53 6.73
C GLY B 291 30.62 -3.50 6.51
N GLY B 292 30.88 -4.67 5.95
CA GLY B 292 29.84 -5.68 5.74
C GLY B 292 28.79 -5.30 4.71
N GLY B 293 27.58 -5.80 4.91
CA GLY B 293 26.48 -5.59 3.96
C GLY B 293 25.73 -4.30 4.17
N PHE B 294 26.37 -3.18 3.87
CA PHE B 294 25.68 -1.90 3.89
C PHE B 294 25.09 -1.62 2.52
N LEU B 295 24.17 -0.64 2.46
CA LEU B 295 23.28 -0.53 1.33
C LEU B 295 24.05 -0.19 0.07
N LYS B 296 25.01 0.72 0.17
CA LYS B 296 25.80 1.09 -1.02
C LYS B 296 26.62 -0.07 -1.60
N LYS B 297 27.09 -0.96 -0.73
CA LYS B 297 27.88 -2.09 -1.16
C LYS B 297 27.00 -3.12 -1.91
N ALA B 298 25.84 -3.44 -1.35
CA ALA B 298 24.89 -4.36 -1.98
C ALA B 298 24.48 -3.81 -3.33
N ILE B 299 24.23 -2.51 -3.40
CA ILE B 299 23.80 -1.91 -4.65
C ILE B 299 24.89 -2.04 -5.71
N GLU B 300 26.13 -1.66 -5.39
CA GLU B 300 27.16 -1.78 -6.41
C GLU B 300 27.43 -3.26 -6.76
N ASN B 301 27.23 -4.16 -5.79
CA ASN B 301 27.49 -5.59 -6.01
C ASN B 301 26.49 -6.28 -6.95
N THR B 302 25.31 -5.69 -7.08
CA THR B 302 24.34 -6.14 -8.07
C THR B 302 24.86 -5.76 -9.46
N GLY B 303 25.72 -4.73 -9.50
CA GLY B 303 26.41 -4.36 -10.73
C GLY B 303 27.63 -5.23 -10.97
N LYS B 304 28.45 -5.38 -9.92
CA LYS B 304 29.73 -6.06 -10.01
C LYS B 304 29.65 -7.57 -10.04
N THR B 305 28.68 -8.17 -9.35
CA THR B 305 28.58 -9.63 -9.27
C THR B 305 27.59 -10.22 -10.28
N PRO B 306 28.08 -11.00 -11.25
CA PRO B 306 27.16 -11.54 -12.26
C PRO B 306 26.03 -12.36 -11.62
N PHE B 307 24.87 -12.32 -12.26
CA PHE B 307 23.71 -13.05 -11.81
C PHE B 307 23.95 -14.51 -11.42
N ASN B 308 24.80 -15.21 -12.16
CA ASN B 308 25.05 -16.62 -11.99
C ASN B 308 26.32 -16.96 -11.22
N GLN B 309 27.04 -15.96 -10.74
CA GLN B 309 28.29 -16.19 -10.02
C GLN B 309 28.07 -16.62 -8.56
N LEU B 310 28.52 -17.84 -8.24
CA LEU B 310 28.40 -18.34 -6.88
C LEU B 310 29.53 -17.76 -6.04
N ALA B 311 29.20 -17.38 -4.80
CA ALA B 311 30.21 -16.91 -3.86
C ALA B 311 31.45 -17.81 -3.95
N SER B 312 32.63 -17.18 -4.00
CA SER B 312 33.96 -17.83 -4.01
C SER B 312 34.38 -18.33 -5.38
N THR B 313 33.59 -18.02 -6.39
CA THR B 313 33.92 -18.43 -7.75
C THR B 313 33.87 -17.23 -8.68
N LYS B 314 34.70 -17.27 -9.71
CA LYS B 314 34.73 -16.28 -10.78
C LYS B 314 33.95 -16.77 -12.03
N TYR B 315 32.85 -16.09 -12.32
CA TYR B 315 32.00 -16.39 -13.46
C TYR B 315 32.49 -15.67 -14.74
N PRO B 316 32.49 -16.34 -15.91
CA PRO B 316 32.10 -17.74 -16.16
C PRO B 316 33.24 -18.74 -16.22
N GLU B 317 34.43 -18.42 -15.72
N GLU B 317 34.41 -18.37 -15.71
CA GLU B 317 35.49 -19.43 -15.68
CA GLU B 317 35.53 -19.29 -15.56
C GLU B 317 35.10 -20.68 -14.89
C GLU B 317 35.03 -20.61 -14.94
N VAL B 318 34.30 -20.48 -13.84
CA VAL B 318 33.63 -21.60 -13.19
C VAL B 318 32.17 -21.34 -13.49
N ASP B 319 31.51 -22.28 -14.14
CA ASP B 319 30.09 -22.12 -14.52
C ASP B 319 29.28 -23.30 -13.97
N LEU B 320 28.75 -23.11 -12.77
CA LEU B 320 27.95 -24.15 -12.16
C LEU B 320 26.44 -23.94 -12.39
N PRO B 321 25.67 -25.04 -12.45
CA PRO B 321 24.23 -24.89 -12.69
C PRO B 321 23.41 -24.42 -11.48
N THR B 322 22.62 -23.37 -11.72
CA THR B 322 21.79 -22.76 -10.71
C THR B 322 20.36 -22.76 -11.17
N VAL B 323 19.42 -22.71 -10.23
CA VAL B 323 18.01 -22.55 -10.61
C VAL B 323 17.66 -21.06 -10.66
N GLY B 324 18.61 -20.22 -10.29
CA GLY B 324 18.37 -18.80 -10.16
C GLY B 324 19.16 -18.23 -9.01
N SER B 325 18.74 -17.07 -8.53
CA SER B 325 19.55 -16.29 -7.60
C SER B 325 18.65 -15.61 -6.60
N MET B 326 19.19 -15.33 -5.42
CA MET B 326 18.42 -14.74 -4.36
C MET B 326 19.17 -13.56 -3.74
N LEU B 327 18.51 -12.40 -3.69
CA LEU B 327 19.06 -11.23 -2.98
C LEU B 327 18.43 -11.20 -1.58
N SER B 328 19.27 -10.99 -0.56
CA SER B 328 18.82 -11.23 0.80
C SER B 328 18.85 -9.98 1.65
N ILE B 329 17.72 -9.68 2.29
CA ILE B 329 17.62 -8.61 3.29
C ILE B 329 17.57 -9.20 4.71
N TRP B 330 18.52 -8.82 5.55
CA TRP B 330 18.63 -9.33 6.92
C TRP B 330 18.37 -8.29 7.97
N ALA B 331 17.97 -8.75 9.16
CA ALA B 331 17.63 -7.88 10.32
C ALA B 331 18.40 -8.26 11.60
N ASP B 332 19.69 -8.59 11.44
CA ASP B 332 20.62 -8.85 12.56
C ASP B 332 20.38 -7.98 13.79
N ARG B 333 20.17 -6.70 13.58
CA ARG B 333 19.82 -5.79 14.65
C ARG B 333 18.34 -5.44 14.38
N PRO B 334 17.42 -6.25 14.93
CA PRO B 334 16.03 -6.15 14.46
C PRO B 334 15.31 -4.89 14.93
N SER B 335 15.89 -4.17 15.89
CA SER B 335 15.37 -2.85 16.26
C SER B 335 15.82 -1.75 15.30
N ALA B 336 16.68 -2.07 14.32
CA ALA B 336 16.98 -1.13 13.20
C ALA B 336 15.69 -0.85 12.46
N GLU B 337 15.50 0.38 11.97
CA GLU B 337 14.29 0.72 11.24
C GLU B 337 14.23 0.09 9.84
N TYR B 338 13.11 -0.55 9.53
CA TYR B 338 12.89 -1.06 8.17
C TYR B 338 12.45 0.08 7.27
N LYS B 339 13.29 0.42 6.29
CA LYS B 339 12.96 1.49 5.36
C LYS B 339 12.67 0.91 3.99
N GLU B 340 11.39 0.84 3.66
CA GLU B 340 10.91 0.22 2.44
C GLU B 340 11.69 0.72 1.21
N GLU B 341 11.88 2.04 1.15
N GLU B 341 11.90 2.04 1.12
CA GLU B 341 12.57 2.67 0.03
CA GLU B 341 12.58 2.62 -0.06
C GLU B 341 13.95 2.05 -0.23
C GLU B 341 14.00 2.10 -0.25
N GLU B 342 14.66 1.73 0.85
CA GLU B 342 16.00 1.11 0.77
C GLU B 342 15.96 -0.26 0.08
N ILE B 343 15.00 -1.08 0.50
CA ILE B 343 14.83 -2.44 0.01
C ILE B 343 14.40 -2.38 -1.48
N PHE B 344 13.48 -1.46 -1.77
CA PHE B 344 13.01 -1.18 -3.13
C PHE B 344 14.14 -0.76 -4.09
N GLU B 345 14.99 0.17 -3.63
CA GLU B 345 16.14 0.59 -4.42
C GLU B 345 17.13 -0.57 -4.66
N LEU B 346 17.40 -1.36 -3.63
CA LEU B 346 18.28 -2.51 -3.80
C LEU B 346 17.67 -3.53 -4.74
N MET B 347 16.38 -3.82 -4.55
CA MET B 347 15.65 -4.76 -5.41
C MET B 347 15.66 -4.30 -6.86
N THR B 348 15.45 -3.00 -7.07
CA THR B 348 15.37 -2.38 -8.39
C THR B 348 16.71 -2.48 -9.13
N ALA B 349 17.79 -2.23 -8.41
CA ALA B 349 19.12 -2.29 -9.02
C ALA B 349 19.48 -3.74 -9.42
N PHE B 350 19.06 -4.72 -8.62
CA PHE B 350 19.31 -6.09 -8.99
C PHE B 350 18.59 -6.46 -10.29
N ALA B 351 17.36 -5.99 -10.44
CA ALA B 351 16.57 -6.19 -11.65
C ALA B 351 17.13 -5.37 -12.84
N ASP B 352 17.57 -4.13 -12.59
CA ASP B 352 18.05 -3.25 -13.69
C ASP B 352 19.35 -3.71 -14.34
N HIS B 353 20.21 -4.37 -13.54
CA HIS B 353 21.48 -4.95 -14.03
C HIS B 353 21.33 -6.31 -14.65
N ASN B 354 20.15 -6.90 -14.58
CA ASN B 354 19.94 -8.25 -15.11
C ASN B 354 18.65 -8.35 -15.89
N LYS B 355 18.35 -7.30 -16.66
CA LYS B 355 17.05 -7.18 -17.34
C LYS B 355 16.65 -8.42 -18.18
N ASP B 356 17.61 -9.16 -18.70
N ASP B 356 17.64 -9.14 -18.67
CA ASP B 356 17.28 -10.37 -19.47
CA ASP B 356 17.44 -10.39 -19.42
C ASP B 356 16.69 -11.49 -18.61
C ASP B 356 16.76 -11.50 -18.61
N TYR B 357 16.93 -11.46 -17.30
CA TYR B 357 16.39 -12.47 -16.38
C TYR B 357 15.07 -12.10 -15.73
N PHE B 358 14.78 -10.81 -15.66
CA PHE B 358 13.59 -10.34 -14.98
C PHE B 358 12.45 -10.15 -15.96
N ARG B 359 11.24 -10.54 -15.55
CA ARG B 359 10.03 -10.30 -16.35
C ARG B 359 9.80 -8.81 -16.47
N ALA B 360 9.04 -8.43 -17.49
CA ALA B 360 8.51 -7.08 -17.57
C ALA B 360 7.46 -6.98 -16.47
N ASN B 361 6.88 -5.80 -16.34
CA ASN B 361 5.88 -5.51 -15.32
C ASN B 361 4.46 -5.70 -15.83
N TYR B 362 3.79 -6.75 -15.35
CA TYR B 362 2.47 -7.17 -15.85
C TYR B 362 1.28 -6.73 -14.99
N ASN B 363 1.51 -5.81 -14.06
CA ASN B 363 0.42 -5.29 -13.23
C ASN B 363 -0.66 -4.53 -13.97
N ALA B 364 -0.26 -3.63 -14.87
CA ALA B 364 -1.24 -2.91 -15.70
C ALA B 364 -2.01 -3.87 -16.63
N LEU B 365 -1.32 -4.84 -17.24
CA LEU B 365 -2.01 -5.85 -18.05
C LEU B 365 -3.05 -6.65 -17.27
N ARG B 366 -2.68 -7.12 -16.08
CA ARG B 366 -3.61 -7.83 -15.19
C ARG B 366 -4.78 -6.93 -14.83
N GLU B 367 -4.50 -5.64 -14.66
CA GLU B 367 -5.54 -4.69 -14.33
C GLU B 367 -6.52 -4.52 -15.50
N GLU B 368 -6.00 -4.44 -16.72
CA GLU B 368 -6.84 -4.29 -17.87
C GLU B 368 -7.66 -5.55 -18.17
N LEU B 369 -7.05 -6.73 -18.00
CA LEU B 369 -7.75 -7.99 -18.24
C LEU B 369 -8.97 -8.18 -17.32
N ALA B 370 -8.90 -7.64 -16.12
CA ALA B 370 -10.02 -7.74 -15.18
C ALA B 370 -11.22 -6.87 -15.58
N LYS B 371 -11.13 -6.24 -16.76
CA LYS B 371 -12.17 -5.34 -17.25
C LYS B 371 -12.90 -5.86 -18.48
N ILE B 372 -12.25 -6.76 -19.24
CA ILE B 372 -12.84 -7.42 -20.40
C ILE B 372 -14.09 -8.25 -19.98
N PRO B 373 -15.25 -8.09 -20.67
CA PRO B 373 -16.58 -8.63 -20.34
C PRO B 373 -16.67 -9.73 -19.27
N TYR B 379 -22.60 -8.25 -28.43
CA TYR B 379 -22.01 -6.95 -28.75
C TYR B 379 -22.11 -6.60 -30.22
N SER B 380 -21.01 -6.77 -30.97
CA SER B 380 -20.91 -6.36 -32.37
C SER B 380 -19.58 -6.76 -33.03
N LYS B 381 -19.32 -6.23 -34.23
CA LYS B 381 -17.99 -6.32 -34.86
C LYS B 381 -17.12 -5.15 -34.39
N GLU B 382 -17.64 -4.40 -33.41
CA GLU B 382 -16.87 -3.45 -32.61
C GLU B 382 -15.88 -4.24 -31.77
N SER B 383 -16.38 -4.73 -30.63
CA SER B 383 -15.64 -5.53 -29.66
C SER B 383 -15.64 -7.03 -30.05
N LEU B 384 -15.18 -7.26 -31.27
CA LEU B 384 -14.64 -8.52 -31.69
C LEU B 384 -13.39 -8.08 -32.46
N GLU B 385 -13.60 -7.63 -33.69
CA GLU B 385 -12.54 -7.27 -34.68
C GLU B 385 -11.25 -6.67 -34.09
N ALA B 386 -11.36 -5.50 -33.45
CA ALA B 386 -10.20 -4.84 -32.85
C ALA B 386 -9.78 -5.44 -31.49
N LEU B 387 -10.74 -5.98 -30.71
CA LEU B 387 -10.43 -6.61 -29.41
C LEU B 387 -9.67 -7.93 -29.59
N ASP B 388 -10.25 -8.84 -30.37
CA ASP B 388 -9.59 -10.08 -30.78
C ASP B 388 -8.16 -9.78 -31.27
N ALA B 389 -8.01 -8.77 -32.14
CA ALA B 389 -6.67 -8.38 -32.63
C ALA B 389 -5.69 -8.12 -31.47
N ALA B 390 -6.20 -7.50 -30.41
CA ALA B 390 -5.38 -7.04 -29.28
C ALA B 390 -5.21 -8.10 -28.19
N LYS B 391 -6.30 -8.81 -27.86
CA LYS B 391 -6.30 -9.86 -26.85
C LYS B 391 -5.32 -10.98 -27.22
N THR B 392 -5.27 -11.30 -28.51
CA THR B 392 -4.38 -12.33 -29.04
C THR B 392 -2.92 -11.86 -29.24
N ALA B 393 -2.73 -10.55 -29.38
CA ALA B 393 -1.39 -9.99 -29.57
C ALA B 393 -0.64 -9.83 -28.23
N LEU B 394 -1.35 -10.06 -27.12
CA LEU B 394 -0.71 -10.07 -25.79
C LEU B 394 0.46 -11.03 -25.73
N ASN B 395 1.59 -10.54 -25.25
CA ASN B 395 2.80 -11.32 -25.08
C ASN B 395 3.12 -11.40 -23.59
N TYR B 396 3.15 -12.60 -23.03
CA TYR B 396 3.33 -12.79 -21.59
C TYR B 396 4.78 -13.13 -21.28
N ASN B 397 5.58 -13.24 -22.33
CA ASN B 397 6.94 -13.68 -22.21
C ASN B 397 7.96 -12.53 -22.23
N LEU B 398 7.49 -11.30 -22.08
CA LEU B 398 8.42 -10.18 -22.21
C LEU B 398 9.31 -9.99 -20.97
N ASN B 399 10.59 -9.68 -21.20
CA ASN B 399 11.48 -9.38 -20.08
C ASN B 399 11.53 -7.87 -19.77
N ARG B 400 12.36 -7.51 -18.79
CA ARG B 400 12.42 -6.12 -18.29
C ARG B 400 13.00 -5.13 -19.30
N ASN B 401 13.67 -5.61 -20.35
CA ASN B 401 14.14 -4.74 -21.45
C ASN B 401 13.01 -4.29 -22.34
N LYS B 402 11.85 -4.92 -22.17
CA LYS B 402 10.78 -4.82 -23.14
C LYS B 402 9.52 -4.19 -22.59
N GLN B 403 9.68 -3.26 -21.66
CA GLN B 403 8.53 -2.68 -20.97
C GLN B 403 7.68 -1.83 -21.89
N ALA B 404 8.36 -1.02 -22.72
CA ALA B 404 7.68 -0.15 -23.68
C ALA B 404 6.80 -0.97 -24.62
N GLU B 405 7.33 -2.09 -25.12
CA GLU B 405 6.57 -3.01 -25.99
C GLU B 405 5.29 -3.52 -25.29
N LEU B 406 5.44 -3.95 -24.03
CA LEU B 406 4.31 -4.39 -23.24
C LEU B 406 3.31 -3.26 -23.01
N ASP B 407 3.81 -2.06 -22.72
CA ASP B 407 2.89 -0.91 -22.49
C ASP B 407 1.99 -0.66 -23.69
N THR B 408 2.59 -0.70 -24.89
CA THR B 408 1.87 -0.56 -26.15
C THR B 408 0.82 -1.64 -26.29
N LEU B 409 1.21 -2.90 -26.04
CA LEU B 409 0.23 -4.01 -26.04
C LEU B 409 -0.92 -3.76 -25.08
N VAL B 410 -0.61 -3.29 -23.87
CA VAL B 410 -1.66 -2.98 -22.91
C VAL B 410 -2.52 -1.79 -23.39
N ALA B 411 -1.86 -0.73 -23.88
CA ALA B 411 -2.55 0.43 -24.46
C ALA B 411 -3.52 0.05 -25.58
N ASN B 412 -3.07 -0.81 -26.51
CA ASN B 412 -3.95 -1.41 -27.57
C ASN B 412 -5.14 -2.18 -26.99
N LEU B 413 -4.92 -2.97 -25.96
CA LEU B 413 -6.04 -3.66 -25.33
C LEU B 413 -7.03 -2.65 -24.73
N LYS B 414 -6.52 -1.70 -23.93
CA LYS B 414 -7.36 -0.62 -23.37
C LYS B 414 -8.18 0.09 -24.45
N ALA B 415 -7.52 0.49 -25.53
CA ALA B 415 -8.17 1.15 -26.67
C ALA B 415 -9.30 0.30 -27.26
N ALA B 416 -9.15 -1.02 -27.22
CA ALA B 416 -10.13 -1.93 -27.79
C ALA B 416 -11.30 -2.18 -26.84
N LEU B 417 -11.03 -2.30 -25.55
CA LEU B 417 -12.08 -2.45 -24.55
C LEU B 417 -12.94 -1.17 -24.49
N GLN B 418 -12.36 -0.05 -24.95
CA GLN B 418 -13.06 1.25 -25.03
C GLN B 418 -13.79 1.48 -26.37
N GLY B 419 -13.41 0.75 -27.42
CA GLY B 419 -14.05 0.85 -28.74
C GLY B 419 -14.77 -0.41 -29.18
#